data_2FJ6
#
_entry.id   2FJ6
#
_entity_poly.entity_id   1
_entity_poly.type   'polypeptide(L)'
_entity_poly.pdbx_seq_one_letter_code
;MKSFYHYLLKYRHPKPKDSISEFANQAYEDHSFPKTSTDYHEISSYLELNADYLHTMATFDEAWDQYESEVHGRLEHHHH
HH
;
_entity_poly.pdbx_strand_id   A
#
# COMPACT_ATOMS: atom_id res chain seq x y z
N MET A 1 12.59 -3.27 4.83
CA MET A 1 11.15 -3.37 4.46
C MET A 1 10.38 -3.98 5.63
N LYS A 2 9.05 -3.85 5.58
CA LYS A 2 8.21 -4.39 6.65
C LYS A 2 6.83 -4.77 6.10
N SER A 3 6.68 -6.06 5.79
CA SER A 3 5.43 -6.62 5.25
C SER A 3 4.41 -5.53 4.89
N PHE A 4 4.27 -5.28 3.59
CA PHE A 4 3.33 -4.26 3.11
C PHE A 4 1.97 -4.42 3.78
N TYR A 5 1.60 -5.67 4.07
CA TYR A 5 0.33 -5.95 4.73
C TYR A 5 0.28 -5.31 6.11
N HIS A 6 1.37 -5.48 6.87
CA HIS A 6 1.45 -4.91 8.22
C HIS A 6 1.51 -3.40 8.15
N TYR A 7 2.27 -2.87 7.20
CA TYR A 7 2.36 -1.42 7.07
C TYR A 7 0.94 -0.90 6.90
N LEU A 8 0.22 -1.53 5.98
CA LEU A 8 -1.17 -1.20 5.71
C LEU A 8 -2.02 -1.37 6.96
N LEU A 9 -1.63 -2.30 7.85
CA LEU A 9 -2.40 -2.55 9.07
C LEU A 9 -2.51 -1.28 9.92
N LYS A 10 -1.55 -0.37 9.75
CA LYS A 10 -1.56 0.87 10.50
C LYS A 10 -2.65 1.81 9.97
N TYR A 11 -3.11 1.52 8.76
CA TYR A 11 -4.15 2.33 8.12
C TYR A 11 -5.44 1.53 7.99
N ARG A 12 -5.82 0.83 9.05
CA ARG A 12 -7.05 0.03 9.03
C ARG A 12 -8.26 0.90 8.74
N HIS A 13 -8.00 2.19 8.70
CA HIS A 13 -9.02 3.20 8.42
C HIS A 13 -10.41 2.72 8.84
N PRO A 14 -10.72 2.79 10.11
CA PRO A 14 -12.04 2.37 10.64
C PRO A 14 -13.17 3.26 10.12
N LYS A 15 -12.78 4.27 9.34
CA LYS A 15 -13.73 5.20 8.73
C LYS A 15 -13.21 5.64 7.36
N PRO A 16 -13.31 4.76 6.39
CA PRO A 16 -12.84 5.02 5.00
C PRO A 16 -13.22 6.42 4.49
N LYS A 17 -12.28 7.04 3.78
CA LYS A 17 -12.51 8.38 3.23
C LYS A 17 -11.69 8.57 1.96
N ASP A 18 -10.38 8.45 2.08
CA ASP A 18 -9.49 8.61 0.94
C ASP A 18 -9.39 7.31 0.15
N SER A 19 -8.90 7.41 -1.08
CA SER A 19 -8.76 6.23 -1.93
C SER A 19 -7.95 5.14 -1.22
N ILE A 20 -6.86 5.54 -0.58
CA ILE A 20 -6.02 4.59 0.14
C ILE A 20 -6.76 3.99 1.34
N SER A 21 -7.63 4.79 1.95
CA SER A 21 -8.38 4.34 3.12
C SER A 21 -9.33 3.20 2.76
N GLU A 22 -10.13 3.39 1.72
CA GLU A 22 -11.08 2.35 1.29
C GLU A 22 -10.33 1.08 0.90
N PHE A 23 -9.17 1.27 0.26
CA PHE A 23 -8.35 0.13 -0.16
C PHE A 23 -7.86 -0.64 1.06
N ALA A 24 -7.43 0.09 2.09
CA ALA A 24 -6.94 -0.54 3.31
C ALA A 24 -7.94 -1.53 3.89
N ASN A 25 -9.20 -1.09 4.02
CA ASN A 25 -10.24 -1.97 4.56
C ASN A 25 -10.39 -3.21 3.69
N GLN A 26 -10.33 -3.01 2.37
CA GLN A 26 -10.46 -4.11 1.43
C GLN A 26 -9.31 -5.10 1.62
N ALA A 27 -8.09 -4.59 1.63
CA ALA A 27 -6.90 -5.41 1.79
C ALA A 27 -6.96 -6.22 3.10
N TYR A 28 -7.58 -5.63 4.13
CA TYR A 28 -7.69 -6.31 5.42
C TYR A 28 -8.43 -7.64 5.26
N GLU A 29 -9.33 -7.69 4.28
CA GLU A 29 -10.09 -8.91 4.03
C GLU A 29 -9.32 -9.86 3.12
N ASP A 30 -8.18 -9.37 2.61
CA ASP A 30 -7.34 -10.18 1.74
C ASP A 30 -6.47 -11.11 2.57
N HIS A 31 -7.09 -12.12 3.18
CA HIS A 31 -6.36 -13.07 4.01
C HIS A 31 -5.36 -13.86 3.17
N SER A 32 -5.48 -13.77 1.85
CA SER A 32 -4.58 -14.49 0.95
C SER A 32 -3.46 -13.58 0.47
N PHE A 33 -3.50 -12.31 0.89
CA PHE A 33 -2.47 -11.35 0.50
C PHE A 33 -1.06 -11.94 0.73
N PRO A 34 -0.15 -11.74 -0.19
CA PRO A 34 1.25 -12.27 -0.06
C PRO A 34 2.03 -11.55 1.04
N LYS A 35 1.63 -11.77 2.29
CA LYS A 35 2.29 -11.15 3.43
C LYS A 35 3.77 -11.51 3.47
N THR A 36 4.09 -12.72 3.05
CA THR A 36 5.48 -13.19 3.04
C THR A 36 6.10 -13.02 1.66
N SER A 37 5.81 -11.88 1.02
CA SER A 37 6.36 -11.60 -0.31
C SER A 37 5.85 -10.25 -0.79
N THR A 38 6.74 -9.26 -0.81
CA THR A 38 6.37 -7.93 -1.25
C THR A 38 7.24 -7.51 -2.42
N ASP A 39 6.63 -7.48 -3.59
CA ASP A 39 7.33 -7.09 -4.80
C ASP A 39 6.37 -6.33 -5.71
N TYR A 40 6.78 -5.14 -6.14
CA TYR A 40 5.94 -4.31 -7.00
C TYR A 40 5.35 -5.11 -8.17
N HIS A 41 6.21 -5.77 -8.93
CA HIS A 41 5.76 -6.53 -10.10
C HIS A 41 4.82 -7.69 -9.71
N GLU A 42 5.26 -8.51 -8.76
CA GLU A 42 4.48 -9.66 -8.33
C GLU A 42 3.11 -9.24 -7.78
N ILE A 43 3.12 -8.30 -6.84
CA ILE A 43 1.88 -7.83 -6.24
C ILE A 43 1.04 -7.05 -7.26
N SER A 44 1.71 -6.31 -8.14
CA SER A 44 0.99 -5.55 -9.17
C SER A 44 0.06 -6.48 -9.95
N SER A 45 0.62 -7.59 -10.43
CA SER A 45 -0.14 -8.57 -11.18
C SER A 45 -1.23 -9.19 -10.30
N TYR A 46 -0.94 -9.31 -9.00
CA TYR A 46 -1.90 -9.87 -8.06
C TYR A 46 -3.19 -9.06 -8.06
N LEU A 47 -3.05 -7.75 -8.23
CA LEU A 47 -4.21 -6.86 -8.26
C LEU A 47 -4.93 -7.01 -9.60
N GLU A 48 -4.17 -6.92 -10.68
CA GLU A 48 -4.72 -7.05 -12.03
C GLU A 48 -5.29 -8.44 -12.24
N LEU A 49 -4.86 -9.39 -11.42
CA LEU A 49 -5.33 -10.77 -11.51
C LEU A 49 -6.80 -10.86 -11.16
N ASN A 50 -7.35 -9.77 -10.63
CA ASN A 50 -8.76 -9.74 -10.24
C ASN A 50 -9.33 -8.33 -10.41
N ALA A 51 -10.42 -8.26 -11.18
CA ALA A 51 -11.10 -7.00 -11.46
C ALA A 51 -11.39 -6.22 -10.17
N ASP A 52 -11.43 -6.93 -9.05
CA ASP A 52 -11.72 -6.32 -7.76
C ASP A 52 -10.73 -5.19 -7.46
N TYR A 53 -9.45 -5.41 -7.76
CA TYR A 53 -8.43 -4.39 -7.51
C TYR A 53 -8.19 -3.56 -8.77
N LEU A 54 -8.60 -4.09 -9.91
CA LEU A 54 -8.41 -3.40 -11.19
C LEU A 54 -9.01 -1.99 -11.15
N HIS A 55 -10.14 -1.84 -10.47
CA HIS A 55 -10.81 -0.55 -10.39
C HIS A 55 -10.15 0.40 -9.38
N THR A 56 -9.02 -0.02 -8.82
CA THR A 56 -8.32 0.81 -7.84
C THR A 56 -6.80 0.64 -7.97
N MET A 57 -6.34 0.38 -9.19
CA MET A 57 -4.92 0.22 -9.44
C MET A 57 -4.18 1.50 -9.09
N ALA A 58 -4.80 2.63 -9.41
CA ALA A 58 -4.20 3.94 -9.13
C ALA A 58 -3.93 4.11 -7.64
N THR A 59 -4.75 3.46 -6.81
CA THR A 59 -4.59 3.56 -5.36
C THR A 59 -3.37 2.78 -4.90
N PHE A 60 -3.21 1.56 -5.42
CA PHE A 60 -2.07 0.73 -5.05
C PHE A 60 -0.77 1.44 -5.39
N ASP A 61 -0.68 1.92 -6.64
CA ASP A 61 0.51 2.64 -7.07
C ASP A 61 0.81 3.80 -6.13
N GLU A 62 -0.23 4.52 -5.74
CA GLU A 62 -0.09 5.65 -4.83
C GLU A 62 0.38 5.16 -3.46
N ALA A 63 -0.21 4.06 -3.00
CA ALA A 63 0.15 3.50 -1.70
C ALA A 63 1.63 3.12 -1.69
N TRP A 64 2.07 2.45 -2.76
CA TRP A 64 3.47 2.04 -2.88
C TRP A 64 4.38 3.26 -2.75
N ASP A 65 4.05 4.32 -3.49
CA ASP A 65 4.84 5.55 -3.44
C ASP A 65 5.00 6.01 -2.00
N GLN A 66 3.94 5.87 -1.21
CA GLN A 66 3.99 6.27 0.18
C GLN A 66 4.83 5.28 0.99
N TYR A 67 4.63 3.98 0.71
CA TYR A 67 5.37 2.94 1.41
C TYR A 67 6.87 3.14 1.25
N GLU A 68 7.35 3.15 0.00
CA GLU A 68 8.78 3.35 -0.26
C GLU A 68 9.25 4.67 0.33
N SER A 69 8.41 5.69 0.25
CA SER A 69 8.76 7.00 0.80
C SER A 69 9.10 6.91 2.29
N GLU A 70 8.42 6.00 3.00
CA GLU A 70 8.65 5.84 4.44
C GLU A 70 9.85 4.91 4.71
N VAL A 71 10.05 3.94 3.82
CA VAL A 71 11.16 3.00 3.96
C VAL A 71 12.35 3.43 3.11
N HIS A 72 12.09 3.62 1.83
CA HIS A 72 13.10 4.04 0.86
C HIS A 72 13.51 5.49 1.10
N GLY A 73 12.83 6.15 2.03
CA GLY A 73 13.13 7.55 2.36
C GLY A 73 13.97 7.63 3.62
N ARG A 74 13.51 6.93 4.65
CA ARG A 74 14.22 6.91 5.93
C ARG A 74 14.64 8.31 6.36
N LEU A 75 15.70 8.40 7.14
CA LEU A 75 16.20 9.70 7.62
C LEU A 75 17.18 10.30 6.61
N GLU A 76 17.00 9.95 5.34
CA GLU A 76 17.86 10.44 4.28
C GLU A 76 17.27 11.71 3.65
N HIS A 77 16.73 12.59 4.49
CA HIS A 77 16.14 13.83 4.01
C HIS A 77 17.15 14.62 3.20
N HIS A 78 16.71 15.16 2.06
CA HIS A 78 17.60 15.94 1.19
C HIS A 78 16.86 17.14 0.61
N HIS A 79 15.79 16.87 -0.14
CA HIS A 79 15.01 17.94 -0.76
C HIS A 79 14.51 18.90 0.31
N HIS A 80 14.08 18.37 1.44
CA HIS A 80 13.58 19.19 2.54
C HIS A 80 14.68 19.40 3.59
N HIS A 81 15.31 20.56 3.54
CA HIS A 81 16.38 20.88 4.49
C HIS A 81 15.81 21.34 5.82
N HIS A 82 14.85 20.59 6.34
CA HIS A 82 14.22 20.92 7.62
C HIS A 82 14.36 19.77 8.60
N MET A 1 11.66 -3.64 6.34
CA MET A 1 10.45 -2.76 6.41
C MET A 1 9.45 -3.37 7.38
N LYS A 2 8.38 -2.62 7.68
CA LYS A 2 7.35 -3.11 8.58
C LYS A 2 6.20 -3.73 7.79
N SER A 3 6.23 -3.53 6.46
CA SER A 3 5.21 -4.07 5.55
C SER A 3 4.20 -2.98 5.18
N PHE A 4 3.94 -2.87 3.88
CA PHE A 4 3.00 -1.87 3.37
C PHE A 4 1.63 -2.05 4.05
N TYR A 5 1.25 -3.30 4.27
CA TYR A 5 -0.02 -3.60 4.91
C TYR A 5 -0.04 -3.15 6.36
N HIS A 6 1.12 -3.25 7.02
CA HIS A 6 1.22 -2.83 8.42
C HIS A 6 1.03 -1.33 8.55
N TYR A 7 1.69 -0.57 7.67
CA TYR A 7 1.53 0.87 7.71
C TYR A 7 0.04 1.17 7.56
N LEU A 8 -0.53 0.54 6.54
CA LEU A 8 -1.95 0.67 6.27
C LEU A 8 -2.77 0.19 7.47
N LEU A 9 -2.20 -0.73 8.28
CA LEU A 9 -2.92 -1.24 9.44
C LEU A 9 -3.30 -0.12 10.40
N LYS A 10 -2.57 1.00 10.33
CA LYS A 10 -2.85 2.15 11.19
C LYS A 10 -4.22 2.74 10.85
N TYR A 11 -4.74 2.37 9.69
CA TYR A 11 -6.04 2.82 9.23
C TYR A 11 -7.04 1.70 9.50
N ARG A 12 -7.04 1.25 10.75
CA ARG A 12 -7.91 0.15 11.23
C ARG A 12 -9.38 0.38 10.90
N HIS A 13 -9.67 0.47 9.60
CA HIS A 13 -11.04 0.68 9.12
C HIS A 13 -11.90 1.45 10.13
N PRO A 14 -11.43 2.57 10.63
CA PRO A 14 -12.20 3.39 11.61
C PRO A 14 -13.26 4.26 10.93
N LYS A 15 -12.90 5.50 10.60
CA LYS A 15 -13.83 6.42 9.95
C LYS A 15 -13.39 6.66 8.50
N PRO A 16 -13.92 5.91 7.57
CA PRO A 16 -13.57 6.04 6.13
C PRO A 16 -14.09 7.34 5.52
N LYS A 17 -13.18 8.10 4.91
CA LYS A 17 -13.55 9.36 4.27
C LYS A 17 -12.59 9.65 3.13
N ASP A 18 -11.28 9.55 3.40
CA ASP A 18 -10.27 9.79 2.38
C ASP A 18 -10.08 8.53 1.54
N SER A 19 -9.62 8.70 0.31
CA SER A 19 -9.40 7.57 -0.59
C SER A 19 -8.52 6.51 0.07
N ILE A 20 -7.43 6.96 0.70
CA ILE A 20 -6.51 6.04 1.36
C ILE A 20 -7.20 5.33 2.53
N SER A 21 -7.97 6.09 3.30
CA SER A 21 -8.67 5.54 4.45
C SER A 21 -9.71 4.52 4.03
N GLU A 22 -10.54 4.88 3.05
CA GLU A 22 -11.58 3.98 2.56
C GLU A 22 -10.96 2.69 2.05
N PHE A 23 -9.80 2.81 1.41
CA PHE A 23 -9.08 1.67 0.90
C PHE A 23 -8.72 0.72 2.04
N ALA A 24 -8.29 1.31 3.15
CA ALA A 24 -7.92 0.54 4.33
C ALA A 24 -9.07 -0.37 4.77
N ASN A 25 -10.27 0.20 4.87
CA ASN A 25 -11.45 -0.57 5.28
C ASN A 25 -11.64 -1.77 4.35
N GLN A 26 -11.59 -1.52 3.05
CA GLN A 26 -11.77 -2.58 2.06
C GLN A 26 -10.68 -3.64 2.20
N ALA A 27 -9.42 -3.21 2.21
CA ALA A 27 -8.29 -4.12 2.32
C ALA A 27 -8.41 -4.97 3.58
N TYR A 28 -8.94 -4.38 4.65
CA TYR A 28 -9.11 -5.09 5.90
C TYR A 28 -10.06 -6.29 5.73
N GLU A 29 -10.94 -6.20 4.73
CA GLU A 29 -11.91 -7.26 4.46
C GLU A 29 -11.30 -8.36 3.60
N ASP A 30 -9.98 -8.53 3.66
CA ASP A 30 -9.32 -9.57 2.88
C ASP A 30 -7.93 -9.88 3.47
N HIS A 31 -7.92 -10.80 4.44
CA HIS A 31 -6.67 -11.20 5.10
C HIS A 31 -5.75 -11.97 4.14
N SER A 32 -5.86 -11.67 2.84
CA SER A 32 -5.02 -12.34 1.84
C SER A 32 -3.94 -11.41 1.31
N PHE A 33 -4.07 -10.11 1.62
CA PHE A 33 -3.11 -9.12 1.18
C PHE A 33 -1.67 -9.58 1.46
N PRO A 34 -0.75 -9.32 0.56
CA PRO A 34 0.68 -9.74 0.72
C PRO A 34 1.39 -8.96 1.83
N LYS A 35 0.81 -8.97 3.03
CA LYS A 35 1.41 -8.28 4.17
C LYS A 35 2.81 -8.78 4.45
N THR A 36 3.09 -10.02 4.02
CA THR A 36 4.40 -10.62 4.22
C THR A 36 5.30 -10.40 3.00
N SER A 37 5.05 -9.31 2.28
CA SER A 37 5.84 -8.98 1.09
C SER A 37 5.28 -7.72 0.44
N THR A 38 5.96 -6.58 0.66
CA THR A 38 5.50 -5.32 0.09
C THR A 38 6.34 -4.94 -1.12
N ASP A 39 5.74 -5.06 -2.29
CA ASP A 39 6.41 -4.73 -3.53
C ASP A 39 5.39 -4.15 -4.52
N TYR A 40 5.75 -3.03 -5.16
CA TYR A 40 4.86 -2.39 -6.11
C TYR A 40 4.26 -3.39 -7.09
N HIS A 41 5.11 -4.25 -7.66
CA HIS A 41 4.65 -5.26 -8.62
C HIS A 41 3.70 -6.27 -7.95
N GLU A 42 4.10 -6.78 -6.79
CA GLU A 42 3.30 -7.76 -6.06
C GLU A 42 1.91 -7.20 -5.75
N ILE A 43 1.87 -6.02 -5.16
CA ILE A 43 0.59 -5.39 -4.81
C ILE A 43 -0.18 -5.04 -6.07
N SER A 44 0.53 -4.51 -7.07
CA SER A 44 -0.11 -4.14 -8.33
C SER A 44 -0.93 -5.31 -8.88
N SER A 45 -0.32 -6.49 -8.91
CA SER A 45 -1.00 -7.69 -9.40
C SER A 45 -2.20 -8.03 -8.52
N TYR A 46 -2.05 -7.82 -7.21
CA TYR A 46 -3.13 -8.11 -6.27
C TYR A 46 -4.36 -7.30 -6.62
N LEU A 47 -4.14 -6.07 -7.08
CA LEU A 47 -5.24 -5.19 -7.46
C LEU A 47 -5.85 -5.65 -8.78
N GLU A 48 -4.99 -5.95 -9.75
CA GLU A 48 -5.46 -6.42 -11.06
C GLU A 48 -6.17 -7.76 -10.92
N LEU A 49 -5.74 -8.54 -9.92
CA LEU A 49 -6.32 -9.86 -9.67
C LEU A 49 -7.78 -9.74 -9.23
N ASN A 50 -8.21 -8.53 -8.90
CA ASN A 50 -9.58 -8.31 -8.46
C ASN A 50 -10.06 -6.91 -8.87
N ALA A 51 -10.92 -6.87 -9.88
CA ALA A 51 -11.46 -5.60 -10.39
C ALA A 51 -12.15 -4.82 -9.28
N ASP A 52 -12.59 -5.53 -8.24
CA ASP A 52 -13.28 -4.89 -7.13
C ASP A 52 -12.36 -3.89 -6.43
N TYR A 53 -11.05 -4.15 -6.51
CA TYR A 53 -10.07 -3.27 -5.88
C TYR A 53 -9.54 -2.26 -6.89
N LEU A 54 -9.71 -2.55 -8.17
CA LEU A 54 -9.25 -1.65 -9.23
C LEU A 54 -9.78 -0.24 -9.01
N HIS A 55 -10.88 -0.15 -8.26
CA HIS A 55 -11.50 1.14 -7.95
C HIS A 55 -10.66 1.94 -6.94
N THR A 56 -9.36 1.63 -6.88
CA THR A 56 -8.47 2.32 -5.95
C THR A 56 -7.07 2.45 -6.55
N MET A 57 -6.97 2.15 -7.84
CA MET A 57 -5.68 2.22 -8.53
C MET A 57 -5.02 3.57 -8.27
N ALA A 58 -5.80 4.64 -8.43
CA ALA A 58 -5.29 5.99 -8.19
C ALA A 58 -4.85 6.15 -6.75
N THR A 59 -5.55 5.46 -5.84
CA THR A 59 -5.22 5.53 -4.42
C THR A 59 -3.95 4.73 -4.14
N PHE A 60 -3.83 3.55 -4.74
CA PHE A 60 -2.67 2.71 -4.55
C PHE A 60 -1.40 3.46 -4.93
N ASP A 61 -1.42 4.05 -6.13
CA ASP A 61 -0.28 4.82 -6.61
C ASP A 61 0.09 5.89 -5.59
N GLU A 62 -0.91 6.63 -5.14
CA GLU A 62 -0.70 7.69 -4.16
C GLU A 62 -0.25 7.11 -2.83
N ALA A 63 -0.84 5.98 -2.44
CA ALA A 63 -0.49 5.34 -1.18
C ALA A 63 0.98 4.94 -1.19
N TRP A 64 1.43 4.32 -2.27
CA TRP A 64 2.82 3.91 -2.39
C TRP A 64 3.74 5.10 -2.15
N ASP A 65 3.44 6.22 -2.82
CA ASP A 65 4.24 7.43 -2.67
C ASP A 65 4.38 7.78 -1.18
N GLN A 66 3.29 7.63 -0.45
CA GLN A 66 3.28 7.92 0.98
C GLN A 66 4.09 6.86 1.72
N TYR A 67 3.85 5.60 1.38
CA TYR A 67 4.57 4.48 1.99
C TYR A 67 6.08 4.72 1.89
N GLU A 68 6.55 4.93 0.67
CA GLU A 68 7.97 5.17 0.44
C GLU A 68 8.47 6.33 1.30
N SER A 69 7.75 7.44 1.28
CA SER A 69 8.12 8.61 2.06
C SER A 69 8.34 8.25 3.53
N GLU A 70 7.66 7.21 3.98
CA GLU A 70 7.76 6.78 5.37
C GLU A 70 8.98 5.89 5.60
N VAL A 71 9.09 4.82 4.82
CA VAL A 71 10.20 3.87 4.98
C VAL A 71 11.45 4.29 4.20
N HIS A 72 11.28 5.20 3.25
CA HIS A 72 12.43 5.67 2.45
C HIS A 72 13.27 6.64 3.26
N GLY A 73 12.70 7.16 4.35
CA GLY A 73 13.41 8.09 5.21
C GLY A 73 14.58 7.42 5.90
N ARG A 74 14.74 6.12 5.65
CA ARG A 74 15.83 5.35 6.24
C ARG A 74 17.12 5.57 5.46
N LEU A 75 18.25 5.33 6.13
CA LEU A 75 19.56 5.49 5.50
C LEU A 75 20.07 4.14 4.99
N GLU A 76 19.38 3.59 4.01
CA GLU A 76 19.74 2.30 3.44
C GLU A 76 20.94 2.45 2.48
N HIS A 77 21.61 3.59 2.54
CA HIS A 77 22.78 3.85 1.69
C HIS A 77 22.38 3.88 0.20
N HIS A 78 23.23 4.47 -0.62
CA HIS A 78 22.97 4.57 -2.06
C HIS A 78 24.27 4.80 -2.83
N HIS A 79 24.33 4.26 -4.05
CA HIS A 79 25.52 4.42 -4.90
C HIS A 79 25.15 4.28 -6.37
N HIS A 80 25.99 4.84 -7.24
CA HIS A 80 25.75 4.78 -8.68
C HIS A 80 24.44 5.48 -9.05
N HIS A 81 24.03 5.32 -10.31
CA HIS A 81 22.80 5.93 -10.79
C HIS A 81 22.43 5.41 -12.18
N HIS A 82 23.30 5.66 -13.15
CA HIS A 82 23.08 5.21 -14.52
C HIS A 82 24.41 4.83 -15.18
N MET A 1 11.87 -1.06 5.90
CA MET A 1 10.78 -1.16 4.89
C MET A 1 9.68 -2.08 5.42
N LYS A 2 8.83 -1.52 6.27
CA LYS A 2 7.73 -2.29 6.85
C LYS A 2 6.74 -2.72 5.78
N SER A 3 5.96 -3.76 6.07
CA SER A 3 4.98 -4.26 5.11
C SER A 3 3.96 -3.18 4.77
N PHE A 4 3.61 -3.09 3.49
CA PHE A 4 2.64 -2.09 3.03
C PHE A 4 1.33 -2.23 3.80
N TYR A 5 0.89 -3.47 4.00
CA TYR A 5 -0.35 -3.73 4.71
C TYR A 5 -0.29 -3.16 6.12
N HIS A 6 0.86 -3.28 6.77
CA HIS A 6 1.03 -2.77 8.12
C HIS A 6 0.97 -1.25 8.14
N TYR A 7 1.74 -0.62 7.24
CA TYR A 7 1.73 0.83 7.17
C TYR A 7 0.29 1.27 6.98
N LEU A 8 -0.37 0.62 6.02
CA LEU A 8 -1.77 0.88 5.74
C LEU A 8 -2.61 0.65 7.00
N LEU A 9 -2.18 -0.30 7.85
CA LEU A 9 -2.92 -0.60 9.07
C LEU A 9 -2.99 0.62 9.98
N LYS A 10 -2.03 1.53 9.82
CA LYS A 10 -1.99 2.74 10.63
C LYS A 10 -3.14 3.67 10.26
N TYR A 11 -3.73 3.44 9.09
CA TYR A 11 -4.85 4.21 8.61
C TYR A 11 -6.14 3.46 8.92
N ARG A 12 -6.23 3.02 10.18
CA ARG A 12 -7.37 2.25 10.66
C ARG A 12 -8.69 2.74 10.06
N HIS A 13 -9.65 1.81 9.97
CA HIS A 13 -10.95 2.13 9.40
C HIS A 13 -11.75 3.04 10.34
N PRO A 14 -11.87 2.68 11.59
CA PRO A 14 -12.63 3.48 12.59
C PRO A 14 -12.47 4.99 12.41
N LYS A 15 -13.56 5.65 12.03
CA LYS A 15 -13.58 7.09 11.81
C LYS A 15 -12.62 7.50 10.69
N PRO A 16 -12.92 7.14 9.47
CA PRO A 16 -12.08 7.50 8.29
C PRO A 16 -12.21 8.99 7.97
N LYS A 17 -11.40 9.49 7.03
CA LYS A 17 -11.44 10.90 6.68
C LYS A 17 -11.11 11.12 5.21
N ASP A 18 -9.82 11.05 4.87
CA ASP A 18 -9.38 11.26 3.50
C ASP A 18 -9.58 10.02 2.64
N SER A 19 -9.54 10.21 1.32
CA SER A 19 -9.72 9.11 0.38
C SER A 19 -8.75 7.97 0.69
N ILE A 20 -7.52 8.32 1.03
CA ILE A 20 -6.51 7.32 1.35
C ILE A 20 -6.96 6.51 2.57
N SER A 21 -7.56 7.20 3.53
CA SER A 21 -8.05 6.56 4.74
C SER A 21 -9.15 5.57 4.38
N GLU A 22 -10.09 6.02 3.54
CA GLU A 22 -11.20 5.18 3.10
C GLU A 22 -10.68 3.93 2.41
N PHE A 23 -9.63 4.10 1.61
CA PHE A 23 -9.03 2.97 0.91
C PHE A 23 -8.58 1.93 1.93
N ALA A 24 -8.02 2.43 3.04
CA ALA A 24 -7.57 1.55 4.12
C ALA A 24 -8.72 0.68 4.61
N ASN A 25 -9.88 1.29 4.80
CA ASN A 25 -11.05 0.55 5.27
C ASN A 25 -11.37 -0.61 4.33
N GLN A 26 -11.23 -0.36 3.02
CA GLN A 26 -11.50 -1.39 2.03
C GLN A 26 -10.50 -2.54 2.16
N ALA A 27 -9.22 -2.20 2.18
CA ALA A 27 -8.16 -3.20 2.29
C ALA A 27 -8.34 -4.04 3.55
N TYR A 28 -8.92 -3.43 4.58
CA TYR A 28 -9.15 -4.13 5.84
C TYR A 28 -10.05 -5.35 5.62
N GLU A 29 -10.92 -5.26 4.62
CA GLU A 29 -11.83 -6.35 4.32
C GLU A 29 -11.17 -7.39 3.41
N ASP A 30 -9.92 -7.16 3.06
CA ASP A 30 -9.18 -8.08 2.21
C ASP A 30 -8.69 -9.28 3.02
N HIS A 31 -7.97 -10.17 2.34
CA HIS A 31 -7.43 -11.37 3.00
C HIS A 31 -6.54 -12.15 2.04
N SER A 32 -5.98 -11.44 1.06
CA SER A 32 -5.12 -12.07 0.06
C SER A 32 -3.86 -11.22 -0.18
N PHE A 33 -3.93 -9.95 0.20
CA PHE A 33 -2.80 -9.04 0.03
C PHE A 33 -1.52 -9.67 0.55
N PRO A 34 -0.44 -9.54 -0.19
CA PRO A 34 0.89 -10.11 0.21
C PRO A 34 1.47 -9.41 1.44
N LYS A 35 0.78 -9.53 2.57
CA LYS A 35 1.23 -8.91 3.81
C LYS A 35 2.66 -9.33 4.17
N THR A 36 3.06 -10.50 3.66
CA THR A 36 4.40 -11.02 3.93
C THR A 36 5.36 -10.65 2.80
N SER A 37 5.16 -9.48 2.20
CA SER A 37 6.02 -9.03 1.11
C SER A 37 5.58 -7.66 0.60
N THR A 38 6.51 -6.90 0.07
CA THR A 38 6.19 -5.58 -0.46
C THR A 38 6.98 -5.34 -1.74
N ASP A 39 6.27 -5.37 -2.85
CA ASP A 39 6.87 -5.14 -4.16
C ASP A 39 5.90 -4.37 -5.03
N TYR A 40 6.32 -3.21 -5.51
CA TYR A 40 5.47 -2.37 -6.34
C TYR A 40 4.88 -3.13 -7.51
N HIS A 41 5.74 -3.77 -8.31
CA HIS A 41 5.30 -4.51 -9.48
C HIS A 41 4.37 -5.67 -9.10
N GLU A 42 4.80 -6.49 -8.15
CA GLU A 42 4.01 -7.63 -7.72
C GLU A 42 2.64 -7.21 -7.20
N ILE A 43 2.62 -6.26 -6.27
CA ILE A 43 1.36 -5.80 -5.70
C ILE A 43 0.54 -5.06 -6.75
N SER A 44 1.20 -4.22 -7.56
CA SER A 44 0.52 -3.48 -8.61
C SER A 44 -0.28 -4.43 -9.51
N SER A 45 0.35 -5.56 -9.83
CA SER A 45 -0.28 -6.57 -10.68
C SER A 45 -1.51 -7.15 -9.99
N TYR A 46 -1.38 -7.45 -8.69
CA TYR A 46 -2.49 -8.01 -7.93
C TYR A 46 -3.68 -7.05 -7.95
N LEU A 47 -3.41 -5.77 -7.71
CA LEU A 47 -4.46 -4.77 -7.71
C LEU A 47 -5.04 -4.61 -9.13
N GLU A 48 -4.16 -4.61 -10.11
CA GLU A 48 -4.57 -4.48 -11.51
C GLU A 48 -5.43 -5.66 -11.93
N LEU A 49 -4.97 -6.87 -11.58
CA LEU A 49 -5.72 -8.08 -11.94
C LEU A 49 -7.06 -8.09 -11.21
N ASN A 50 -7.05 -7.60 -9.96
CA ASN A 50 -8.28 -7.56 -9.17
C ASN A 50 -9.26 -6.55 -9.77
N ALA A 51 -10.46 -7.02 -10.11
CA ALA A 51 -11.47 -6.15 -10.70
C ALA A 51 -11.95 -5.11 -9.69
N ASP A 52 -11.93 -5.48 -8.41
CA ASP A 52 -12.39 -4.57 -7.36
C ASP A 52 -11.46 -3.37 -7.23
N TYR A 53 -10.14 -3.62 -7.29
CA TYR A 53 -9.18 -2.54 -7.18
C TYR A 53 -8.79 -1.98 -8.55
N LEU A 54 -9.24 -2.66 -9.60
CA LEU A 54 -8.94 -2.20 -10.96
C LEU A 54 -9.37 -0.74 -11.15
N HIS A 55 -10.40 -0.33 -10.40
CA HIS A 55 -10.92 1.04 -10.50
C HIS A 55 -10.37 1.93 -9.37
N THR A 56 -9.11 1.72 -8.99
CA THR A 56 -8.50 2.54 -7.94
C THR A 56 -7.03 2.74 -8.21
N MET A 57 -6.63 2.58 -9.46
CA MET A 57 -5.23 2.77 -9.84
C MET A 57 -4.79 4.18 -9.46
N ALA A 58 -5.72 5.12 -9.56
CA ALA A 58 -5.45 6.51 -9.22
C ALA A 58 -5.11 6.67 -7.75
N THR A 59 -5.91 6.03 -6.90
CA THR A 59 -5.70 6.11 -5.45
C THR A 59 -4.49 5.29 -5.04
N PHE A 60 -4.30 4.13 -5.66
CA PHE A 60 -3.17 3.27 -5.34
C PHE A 60 -1.87 3.96 -5.70
N ASP A 61 -1.78 4.48 -6.92
CA ASP A 61 -0.58 5.17 -7.38
C ASP A 61 -0.23 6.30 -6.40
N GLU A 62 -1.23 7.08 -6.03
CA GLU A 62 -1.03 8.20 -5.12
C GLU A 62 -0.64 7.68 -3.73
N ALA A 63 -1.35 6.64 -3.26
CA ALA A 63 -1.07 6.08 -1.94
C ALA A 63 0.37 5.58 -1.88
N TRP A 64 0.77 4.81 -2.88
CA TRP A 64 2.13 4.29 -2.93
C TRP A 64 3.14 5.43 -2.84
N ASP A 65 2.89 6.49 -3.61
CA ASP A 65 3.77 7.66 -3.61
C ASP A 65 3.99 8.15 -2.19
N GLN A 66 2.92 8.16 -1.39
CA GLN A 66 3.01 8.59 0.00
C GLN A 66 3.75 7.56 0.84
N TYR A 67 3.40 6.28 0.64
CA TYR A 67 4.04 5.20 1.37
C TYR A 67 5.56 5.31 1.24
N GLU A 68 6.04 5.31 0.00
CA GLU A 68 7.47 5.43 -0.26
C GLU A 68 8.06 6.66 0.39
N SER A 69 7.33 7.77 0.35
CA SER A 69 7.82 9.02 0.94
C SER A 69 8.12 8.84 2.43
N GLU A 70 7.37 7.94 3.08
CA GLU A 70 7.57 7.71 4.51
C GLU A 70 8.72 6.74 4.76
N VAL A 71 8.92 5.81 3.81
CA VAL A 71 10.01 4.83 3.93
C VAL A 71 11.26 5.37 3.25
N HIS A 72 11.08 6.42 2.46
CA HIS A 72 12.17 7.05 1.73
C HIS A 72 13.06 7.87 2.67
N GLY A 73 12.58 8.09 3.89
CA GLY A 73 13.34 8.85 4.88
C GLY A 73 14.49 8.02 5.44
N ARG A 74 14.51 6.73 5.10
CA ARG A 74 15.54 5.82 5.57
C ARG A 74 16.79 5.94 4.69
N LEU A 75 17.96 5.93 5.33
CA LEU A 75 19.23 6.03 4.60
C LEU A 75 19.72 4.64 4.22
N GLU A 76 18.78 3.72 4.00
CA GLU A 76 19.10 2.35 3.62
C GLU A 76 17.97 1.75 2.79
N HIS A 77 17.62 2.43 1.70
CA HIS A 77 16.54 1.97 0.82
C HIS A 77 16.80 0.54 0.36
N HIS A 78 17.80 0.37 -0.50
CA HIS A 78 18.13 -0.95 -1.02
C HIS A 78 19.29 -1.57 -0.24
N HIS A 79 19.55 -2.84 -0.49
CA HIS A 79 20.62 -3.56 0.20
C HIS A 79 21.99 -3.00 -0.21
N HIS A 80 22.03 -2.27 -1.33
CA HIS A 80 23.28 -1.69 -1.80
C HIS A 80 23.89 -0.80 -0.72
N HIS A 81 25.19 -1.00 -0.47
CA HIS A 81 25.89 -0.22 0.55
C HIS A 81 27.38 -0.11 0.21
N HIS A 82 27.84 -1.01 -0.66
CA HIS A 82 29.25 -1.01 -1.06
C HIS A 82 29.67 0.37 -1.56
N MET A 1 11.84 -0.73 4.45
CA MET A 1 10.45 -0.88 3.97
C MET A 1 9.63 -1.67 4.98
N LYS A 2 8.82 -0.96 5.77
CA LYS A 2 8.00 -1.60 6.79
C LYS A 2 6.64 -2.01 6.20
N SER A 3 6.48 -3.33 6.00
CA SER A 3 5.24 -3.90 5.45
C SER A 3 4.26 -2.84 4.96
N PHE A 4 4.18 -2.67 3.64
CA PHE A 4 3.28 -1.69 3.05
C PHE A 4 1.88 -1.82 3.65
N TYR A 5 1.50 -3.06 4.00
CA TYR A 5 0.20 -3.31 4.58
C TYR A 5 0.08 -2.65 5.94
N HIS A 6 1.14 -2.78 6.76
CA HIS A 6 1.14 -2.19 8.09
C HIS A 6 1.18 -0.66 7.99
N TYR A 7 1.90 -0.14 7.00
CA TYR A 7 1.96 1.30 6.83
C TYR A 7 0.53 1.79 6.68
N LEU A 8 -0.20 1.11 5.81
CA LEU A 8 -1.60 1.42 5.56
C LEU A 8 -2.42 1.26 6.85
N LEU A 9 -1.99 0.36 7.75
CA LEU A 9 -2.73 0.15 8.99
C LEU A 9 -2.83 1.44 9.79
N LYS A 10 -1.92 2.37 9.55
CA LYS A 10 -1.94 3.66 10.24
C LYS A 10 -3.19 4.44 9.83
N TYR A 11 -3.74 4.08 8.68
CA TYR A 11 -4.94 4.71 8.17
C TYR A 11 -6.15 3.85 8.54
N ARG A 12 -6.16 3.41 9.79
CA ARG A 12 -7.23 2.56 10.32
C ARG A 12 -8.58 2.91 9.71
N HIS A 13 -9.44 1.91 9.54
CA HIS A 13 -10.76 2.12 8.96
C HIS A 13 -11.66 2.96 9.87
N PRO A 14 -11.63 2.74 11.16
CA PRO A 14 -12.48 3.50 12.12
C PRO A 14 -12.47 5.00 11.83
N LYS A 15 -13.53 5.47 11.18
CA LYS A 15 -13.66 6.89 10.85
C LYS A 15 -12.68 7.32 9.75
N PRO A 16 -12.96 6.96 8.52
CA PRO A 16 -12.09 7.34 7.36
C PRO A 16 -12.29 8.80 6.98
N LYS A 17 -11.21 9.57 6.98
CA LYS A 17 -11.28 11.00 6.65
C LYS A 17 -11.06 11.26 5.16
N ASP A 18 -9.79 11.26 4.75
CA ASP A 18 -9.45 11.54 3.35
C ASP A 18 -9.63 10.31 2.47
N SER A 19 -9.55 10.51 1.16
CA SER A 19 -9.70 9.43 0.19
C SER A 19 -8.73 8.30 0.49
N ILE A 20 -7.50 8.65 0.88
CA ILE A 20 -6.49 7.64 1.19
C ILE A 20 -6.97 6.75 2.34
N SER A 21 -7.59 7.38 3.35
CA SER A 21 -8.09 6.63 4.50
C SER A 21 -9.20 5.68 4.05
N GLU A 22 -10.06 6.16 3.16
CA GLU A 22 -11.17 5.35 2.65
C GLU A 22 -10.63 4.09 2.00
N PHE A 23 -9.54 4.23 1.24
CA PHE A 23 -8.92 3.10 0.59
C PHE A 23 -8.47 2.10 1.63
N ALA A 24 -7.95 2.62 2.75
CA ALA A 24 -7.49 1.77 3.84
C ALA A 24 -8.61 0.81 4.27
N ASN A 25 -9.82 1.35 4.45
CA ASN A 25 -10.95 0.52 4.87
C ASN A 25 -11.16 -0.62 3.88
N GLN A 26 -11.18 -0.28 2.59
CA GLN A 26 -11.37 -1.29 1.55
C GLN A 26 -10.21 -2.29 1.54
N ALA A 27 -8.99 -1.77 1.66
CA ALA A 27 -7.80 -2.61 1.66
C ALA A 27 -7.87 -3.63 2.79
N TYR A 28 -8.53 -3.27 3.88
CA TYR A 28 -8.66 -4.18 5.02
C TYR A 28 -9.38 -5.45 4.60
N GLU A 29 -10.42 -5.30 3.79
CA GLU A 29 -11.21 -6.44 3.32
C GLU A 29 -10.61 -7.05 2.06
N ASP A 30 -9.29 -7.09 1.98
CA ASP A 30 -8.62 -7.65 0.81
C ASP A 30 -8.61 -9.17 0.88
N HIS A 31 -8.46 -9.82 -0.27
CA HIS A 31 -8.44 -11.27 -0.33
C HIS A 31 -7.25 -11.83 0.44
N SER A 32 -6.06 -11.76 -0.16
CA SER A 32 -4.85 -12.25 0.48
C SER A 32 -3.65 -11.40 0.10
N PHE A 33 -3.81 -10.08 0.24
CA PHE A 33 -2.75 -9.14 -0.09
C PHE A 33 -1.43 -9.61 0.52
N PRO A 34 -0.34 -9.52 -0.22
CA PRO A 34 1.00 -9.96 0.26
C PRO A 34 1.52 -9.11 1.41
N LYS A 35 0.92 -9.29 2.59
CA LYS A 35 1.32 -8.54 3.77
C LYS A 35 2.81 -8.76 4.08
N THR A 36 3.32 -9.92 3.66
CA THR A 36 4.71 -10.27 3.89
C THR A 36 5.55 -10.03 2.64
N SER A 37 5.29 -8.91 1.95
CA SER A 37 6.02 -8.58 0.74
C SER A 37 5.51 -7.27 0.16
N THR A 38 6.44 -6.40 -0.23
CA THR A 38 6.07 -5.11 -0.81
C THR A 38 6.92 -4.82 -2.03
N ASP A 39 6.29 -4.87 -3.19
CA ASP A 39 6.97 -4.62 -4.45
C ASP A 39 6.02 -3.90 -5.40
N TYR A 40 6.47 -2.76 -5.92
CA TYR A 40 5.65 -1.97 -6.83
C TYR A 40 5.13 -2.81 -7.99
N HIS A 41 6.02 -3.55 -8.64
CA HIS A 41 5.65 -4.38 -9.78
C HIS A 41 4.68 -5.49 -9.40
N GLU A 42 5.01 -6.26 -8.37
CA GLU A 42 4.16 -7.38 -7.93
C GLU A 42 2.79 -6.91 -7.48
N ILE A 43 2.76 -5.94 -6.56
CA ILE A 43 1.50 -5.44 -6.02
C ILE A 43 0.71 -4.66 -7.09
N SER A 44 1.40 -3.87 -7.91
CA SER A 44 0.71 -3.11 -8.95
C SER A 44 -0.16 -4.03 -9.80
N SER A 45 0.43 -5.14 -10.25
CA SER A 45 -0.28 -6.10 -11.08
C SER A 45 -1.45 -6.71 -10.30
N TYR A 46 -1.23 -6.96 -9.01
CA TYR A 46 -2.26 -7.55 -8.16
C TYR A 46 -3.49 -6.65 -8.12
N LEU A 47 -3.27 -5.35 -7.90
CA LEU A 47 -4.39 -4.40 -7.84
C LEU A 47 -4.97 -4.20 -9.23
N GLU A 48 -4.11 -4.12 -10.24
CA GLU A 48 -4.56 -3.92 -11.62
C GLU A 48 -5.39 -5.12 -12.08
N LEU A 49 -4.93 -6.31 -11.71
CA LEU A 49 -5.64 -7.54 -12.08
C LEU A 49 -7.01 -7.58 -11.39
N ASN A 50 -7.06 -7.06 -10.16
CA ASN A 50 -8.31 -7.02 -9.41
C ASN A 50 -9.29 -6.09 -10.10
N ALA A 51 -10.47 -6.61 -10.45
CA ALA A 51 -11.50 -5.82 -11.13
C ALA A 51 -12.06 -4.75 -10.20
N ASP A 52 -12.24 -5.11 -8.92
CA ASP A 52 -12.78 -4.17 -7.94
C ASP A 52 -11.82 -3.01 -7.69
N TYR A 53 -10.52 -3.30 -7.70
CA TYR A 53 -9.51 -2.27 -7.47
C TYR A 53 -9.01 -1.69 -8.79
N LEU A 54 -9.39 -2.31 -9.90
CA LEU A 54 -8.97 -1.84 -11.23
C LEU A 54 -9.26 -0.35 -11.39
N HIS A 55 -10.44 0.08 -10.97
CA HIS A 55 -10.83 1.48 -11.08
C HIS A 55 -10.44 2.25 -9.81
N THR A 56 -9.33 1.83 -9.20
CA THR A 56 -8.83 2.49 -7.99
C THR A 56 -7.31 2.47 -7.95
N MET A 57 -6.70 2.29 -9.12
CA MET A 57 -5.24 2.25 -9.21
C MET A 57 -4.63 3.62 -8.91
N ALA A 58 -5.33 4.68 -9.32
CA ALA A 58 -4.85 6.04 -9.10
C ALA A 58 -4.65 6.30 -7.60
N THR A 59 -5.49 5.68 -6.78
CA THR A 59 -5.38 5.86 -5.33
C THR A 59 -4.16 5.13 -4.80
N PHE A 60 -3.91 3.93 -5.32
CA PHE A 60 -2.76 3.14 -4.88
C PHE A 60 -1.46 3.85 -5.26
N ASP A 61 -1.37 4.26 -6.52
CA ASP A 61 -0.18 4.96 -7.00
C ASP A 61 0.15 6.13 -6.09
N GLU A 62 -0.87 6.88 -5.70
CA GLU A 62 -0.68 8.04 -4.82
C GLU A 62 -0.16 7.58 -3.46
N ALA A 63 -0.72 6.48 -2.96
CA ALA A 63 -0.29 5.95 -1.67
C ALA A 63 1.19 5.60 -1.70
N TRP A 64 1.61 4.92 -2.76
CA TRP A 64 3.01 4.54 -2.91
C TRP A 64 3.91 5.78 -2.82
N ASP A 65 3.54 6.83 -3.57
CA ASP A 65 4.32 8.06 -3.57
C ASP A 65 4.54 8.55 -2.15
N GLN A 66 3.50 8.45 -1.32
CA GLN A 66 3.61 8.86 0.08
C GLN A 66 4.47 7.88 0.86
N TYR A 67 4.26 6.59 0.60
CA TYR A 67 5.01 5.54 1.29
C TYR A 67 6.51 5.78 1.17
N GLU A 68 7.00 5.86 -0.07
CA GLU A 68 8.42 6.08 -0.31
C GLU A 68 8.91 7.36 0.38
N SER A 69 8.18 8.45 0.19
CA SER A 69 8.55 9.73 0.79
C SER A 69 8.78 9.59 2.30
N GLU A 70 8.10 8.63 2.90
CA GLU A 70 8.21 8.40 4.35
C GLU A 70 9.42 7.55 4.71
N VAL A 71 9.51 6.36 4.12
CA VAL A 71 10.59 5.43 4.42
C VAL A 71 11.84 5.65 3.54
N HIS A 72 11.68 6.36 2.43
CA HIS A 72 12.81 6.62 1.54
C HIS A 72 13.69 7.74 2.10
N GLY A 73 13.14 8.51 3.05
CA GLY A 73 13.87 9.61 3.65
C GLY A 73 14.86 9.11 4.69
N ARG A 74 14.73 7.84 5.07
CA ARG A 74 15.63 7.24 6.06
C ARG A 74 16.93 6.80 5.40
N LEU A 75 17.90 6.43 6.23
CA LEU A 75 19.20 5.97 5.71
C LEU A 75 19.11 4.51 5.30
N GLU A 76 18.09 4.19 4.52
CA GLU A 76 17.89 2.82 4.05
C GLU A 76 18.39 2.67 2.61
N HIS A 77 19.58 3.22 2.35
CA HIS A 77 20.18 3.14 1.03
C HIS A 77 20.18 1.69 0.52
N HIS A 78 19.24 1.39 -0.37
CA HIS A 78 19.12 0.04 -0.92
C HIS A 78 18.90 -0.98 0.20
N HIS A 79 18.89 -2.27 -0.16
CA HIS A 79 18.69 -3.32 0.81
C HIS A 79 19.90 -3.47 1.73
N HIS A 80 19.86 -4.45 2.62
CA HIS A 80 20.95 -4.70 3.55
C HIS A 80 20.91 -6.14 4.06
N HIS A 81 21.36 -7.07 3.23
CA HIS A 81 21.39 -8.48 3.58
C HIS A 81 19.96 -9.02 3.75
N HIS A 82 19.57 -9.91 2.84
CA HIS A 82 18.24 -10.51 2.88
C HIS A 82 18.29 -11.95 2.39
N MET A 1 11.23 -1.77 4.83
CA MET A 1 10.28 -1.87 3.68
C MET A 1 9.11 -2.77 4.08
N LYS A 2 8.28 -2.29 5.00
CA LYS A 2 7.13 -3.05 5.46
C LYS A 2 6.20 -3.36 4.29
N SER A 3 5.37 -4.39 4.45
CA SER A 3 4.44 -4.79 3.40
C SER A 3 3.50 -3.63 3.06
N PHE A 4 3.20 -3.47 1.78
CA PHE A 4 2.32 -2.41 1.32
C PHE A 4 0.98 -2.48 2.06
N TYR A 5 0.53 -3.71 2.34
CA TYR A 5 -0.74 -3.90 3.02
C TYR A 5 -0.68 -3.40 4.46
N HIS A 6 0.48 -3.53 5.09
CA HIS A 6 0.65 -3.09 6.47
C HIS A 6 0.58 -1.58 6.56
N TYR A 7 1.37 -0.89 5.75
CA TYR A 7 1.35 0.56 5.76
C TYR A 7 -0.08 1.01 5.48
N LEU A 8 -0.65 0.47 4.40
CA LEU A 8 -2.01 0.77 4.04
C LEU A 8 -2.96 0.39 5.18
N LEU A 9 -2.54 -0.57 6.02
CA LEU A 9 -3.38 -1.01 7.14
C LEU A 9 -3.70 0.16 8.07
N LYS A 10 -2.86 1.20 8.03
CA LYS A 10 -3.08 2.37 8.88
C LYS A 10 -4.32 3.13 8.43
N TYR A 11 -4.77 2.85 7.21
CA TYR A 11 -5.96 3.47 6.66
C TYR A 11 -7.15 2.56 6.90
N ARG A 12 -7.24 2.07 8.13
CA ARG A 12 -8.31 1.16 8.55
C ARG A 12 -9.63 1.47 7.85
N HIS A 13 -10.42 0.42 7.65
CA HIS A 13 -11.71 0.55 6.99
C HIS A 13 -12.74 1.28 7.85
N PRO A 14 -12.74 1.07 9.14
CA PRO A 14 -13.72 1.74 10.05
C PRO A 14 -13.53 3.25 10.13
N LYS A 15 -12.88 3.84 9.12
CA LYS A 15 -12.66 5.28 9.10
C LYS A 15 -12.11 5.73 7.75
N PRO A 16 -12.93 5.69 6.72
CA PRO A 16 -12.51 6.12 5.36
C PRO A 16 -12.74 7.63 5.15
N LYS A 17 -11.66 8.39 5.22
CA LYS A 17 -11.75 9.84 5.06
C LYS A 17 -11.59 10.23 3.59
N ASP A 18 -10.36 10.19 3.10
CA ASP A 18 -10.07 10.56 1.71
C ASP A 18 -10.30 9.37 0.77
N SER A 19 -10.23 9.64 -0.54
CA SER A 19 -10.41 8.61 -1.54
C SER A 19 -9.49 7.42 -1.26
N ILE A 20 -8.24 7.72 -0.90
CA ILE A 20 -7.27 6.67 -0.59
C ILE A 20 -7.76 5.82 0.58
N SER A 21 -8.44 6.47 1.53
CA SER A 21 -8.96 5.77 2.69
C SER A 21 -10.02 4.75 2.27
N GLU A 22 -10.90 5.16 1.36
CA GLU A 22 -11.95 4.28 0.86
C GLU A 22 -11.32 3.06 0.19
N PHE A 23 -10.23 3.30 -0.54
CA PHE A 23 -9.53 2.21 -1.21
C PHE A 23 -9.07 1.20 -0.18
N ALA A 24 -8.46 1.71 0.89
CA ALA A 24 -8.01 0.85 1.98
C ALA A 24 -9.18 0.01 2.50
N ASN A 25 -10.36 0.63 2.53
CA ASN A 25 -11.57 -0.05 2.98
C ASN A 25 -11.77 -1.35 2.21
N GLN A 26 -11.67 -1.26 0.88
CA GLN A 26 -11.84 -2.43 0.04
C GLN A 26 -10.77 -3.48 0.35
N ALA A 27 -9.51 -3.04 0.37
CA ALA A 27 -8.40 -3.95 0.66
C ALA A 27 -8.57 -4.62 2.02
N TYR A 28 -9.22 -3.92 2.95
CA TYR A 28 -9.45 -4.46 4.29
C TYR A 28 -10.26 -5.75 4.22
N GLU A 29 -11.12 -5.85 3.21
CA GLU A 29 -11.96 -7.04 3.04
C GLU A 29 -11.22 -8.14 2.31
N ASP A 30 -9.96 -7.87 1.94
CA ASP A 30 -9.15 -8.85 1.22
C ASP A 30 -8.59 -9.89 2.19
N HIS A 31 -7.87 -10.86 1.65
CA HIS A 31 -7.27 -11.93 2.45
C HIS A 31 -6.36 -12.81 1.60
N SER A 32 -5.85 -12.24 0.51
CA SER A 32 -4.97 -12.96 -0.40
C SER A 32 -3.82 -12.07 -0.86
N PHE A 33 -3.83 -10.82 -0.41
CA PHE A 33 -2.80 -9.85 -0.78
C PHE A 33 -1.41 -10.43 -0.51
N PRO A 34 -0.48 -10.21 -1.40
CA PRO A 34 0.92 -10.71 -1.25
C PRO A 34 1.70 -9.93 -0.19
N LYS A 35 1.20 -9.98 1.04
CA LYS A 35 1.84 -9.27 2.15
C LYS A 35 3.30 -9.68 2.30
N THR A 36 3.62 -10.89 1.83
CA THR A 36 4.98 -11.40 1.92
C THR A 36 5.74 -11.18 0.61
N SER A 37 5.42 -10.07 -0.07
CA SER A 37 6.07 -9.75 -1.34
C SER A 37 5.50 -8.45 -1.90
N THR A 38 6.22 -7.36 -1.68
CA THR A 38 5.78 -6.06 -2.18
C THR A 38 6.60 -5.68 -3.42
N ASP A 39 5.96 -5.74 -4.57
CA ASP A 39 6.60 -5.40 -5.83
C ASP A 39 5.59 -4.72 -6.76
N TYR A 40 5.96 -3.55 -7.27
CA TYR A 40 5.05 -2.81 -8.15
C TYR A 40 4.45 -3.71 -9.22
N HIS A 41 5.29 -4.51 -9.88
CA HIS A 41 4.81 -5.41 -10.92
C HIS A 41 3.83 -6.44 -10.36
N GLU A 42 4.25 -7.11 -9.29
CA GLU A 42 3.41 -8.12 -8.65
C GLU A 42 2.10 -7.51 -8.15
N ILE A 43 2.21 -6.38 -7.44
CA ILE A 43 1.04 -5.72 -6.89
C ILE A 43 0.14 -5.19 -8.02
N SER A 44 0.74 -4.47 -8.96
CA SER A 44 -0.02 -3.92 -10.08
C SER A 44 -0.85 -5.01 -10.75
N SER A 45 -0.24 -6.17 -10.98
CA SER A 45 -0.93 -7.28 -11.61
C SER A 45 -2.06 -7.77 -10.72
N TYR A 46 -1.87 -7.69 -9.41
CA TYR A 46 -2.89 -8.12 -8.46
C TYR A 46 -4.17 -7.34 -8.66
N LEU A 47 -4.02 -6.05 -8.99
CA LEU A 47 -5.17 -5.19 -9.23
C LEU A 47 -5.79 -5.51 -10.59
N GLU A 48 -4.94 -5.56 -11.62
CA GLU A 48 -5.40 -5.86 -12.97
C GLU A 48 -6.00 -7.26 -13.05
N LEU A 49 -5.60 -8.12 -12.11
CA LEU A 49 -6.09 -9.49 -12.05
C LEU A 49 -7.58 -9.51 -11.75
N ASN A 50 -8.12 -8.36 -11.35
CA ASN A 50 -9.54 -8.26 -11.02
C ASN A 50 -10.08 -6.86 -11.34
N ALA A 51 -11.07 -6.81 -12.22
CA ALA A 51 -11.69 -5.55 -12.65
C ALA A 51 -12.17 -4.72 -11.47
N ASP A 52 -12.42 -5.38 -10.33
CA ASP A 52 -12.89 -4.67 -9.14
C ASP A 52 -11.92 -3.57 -8.72
N TYR A 53 -10.64 -3.78 -8.99
CA TYR A 53 -9.62 -2.80 -8.64
C TYR A 53 -9.30 -1.92 -9.85
N LEU A 54 -9.59 -2.44 -11.05
CA LEU A 54 -9.35 -1.70 -12.29
C LEU A 54 -10.02 -0.33 -12.25
N HIS A 55 -11.09 -0.21 -11.48
CA HIS A 55 -11.83 1.05 -11.39
C HIS A 55 -11.20 2.01 -10.38
N THR A 56 -10.04 1.66 -9.85
CA THR A 56 -9.36 2.53 -8.87
C THR A 56 -7.85 2.43 -9.02
N MET A 57 -7.37 2.12 -10.23
CA MET A 57 -5.95 2.01 -10.48
C MET A 57 -5.26 3.34 -10.18
N ALA A 58 -5.93 4.43 -10.53
CA ALA A 58 -5.39 5.76 -10.31
C ALA A 58 -5.11 6.00 -8.83
N THR A 59 -5.94 5.41 -7.97
CA THR A 59 -5.77 5.57 -6.54
C THR A 59 -4.57 4.76 -6.03
N PHE A 60 -4.43 3.55 -6.54
CA PHE A 60 -3.32 2.68 -6.14
C PHE A 60 -1.99 3.30 -6.60
N ASP A 61 -1.92 3.66 -7.88
CA ASP A 61 -0.71 4.26 -8.43
C ASP A 61 -0.30 5.47 -7.59
N GLU A 62 -1.28 6.30 -7.25
CA GLU A 62 -1.03 7.49 -6.45
C GLU A 62 -0.57 7.10 -5.05
N ALA A 63 -1.19 6.06 -4.51
CA ALA A 63 -0.84 5.58 -3.17
C ALA A 63 0.62 5.14 -3.15
N TRP A 64 1.02 4.37 -4.15
CA TRP A 64 2.39 3.90 -4.24
C TRP A 64 3.37 5.08 -4.20
N ASP A 65 3.09 6.10 -5.01
CA ASP A 65 3.94 7.29 -5.05
C ASP A 65 4.14 7.84 -3.64
N GLN A 66 3.08 7.83 -2.85
CA GLN A 66 3.15 8.33 -1.48
C GLN A 66 3.95 7.36 -0.61
N TYR A 67 3.69 6.07 -0.78
CA TYR A 67 4.39 5.05 -0.02
C TYR A 67 5.90 5.25 -0.14
N GLU A 68 6.38 5.26 -1.38
CA GLU A 68 7.81 5.45 -1.63
C GLU A 68 8.31 6.72 -0.97
N SER A 69 7.61 7.82 -1.20
CA SER A 69 8.00 9.11 -0.61
C SER A 69 8.20 8.99 0.90
N GLU A 70 7.47 8.07 1.51
CA GLU A 70 7.57 7.86 2.96
C GLU A 70 8.74 6.94 3.31
N VAL A 71 8.75 5.76 2.72
CA VAL A 71 9.80 4.77 2.98
C VAL A 71 11.01 4.94 2.05
N HIS A 72 11.07 6.07 1.34
CA HIS A 72 12.19 6.31 0.43
C HIS A 72 13.43 6.73 1.22
N GLY A 73 13.22 7.19 2.45
CA GLY A 73 14.33 7.61 3.29
C GLY A 73 15.02 6.41 3.93
N ARG A 74 14.35 5.26 3.88
CA ARG A 74 14.87 4.02 4.42
C ARG A 74 15.64 4.23 5.73
N LEU A 75 16.59 3.33 6.00
CA LEU A 75 17.39 3.41 7.21
C LEU A 75 18.82 3.85 6.86
N GLU A 76 18.92 4.97 6.13
CA GLU A 76 20.22 5.49 5.73
C GLU A 76 20.80 6.40 6.81
N HIS A 77 20.77 5.92 8.05
CA HIS A 77 21.29 6.71 9.17
C HIS A 77 22.81 6.80 9.10
N HIS A 78 23.39 7.65 9.95
CA HIS A 78 24.84 7.83 9.97
C HIS A 78 25.46 7.14 11.18
N HIS A 79 25.16 7.66 12.36
CA HIS A 79 25.70 7.10 13.61
C HIS A 79 25.49 5.58 13.66
N HIS A 80 26.55 4.87 14.02
CA HIS A 80 26.50 3.41 14.12
C HIS A 80 25.81 2.97 15.41
N HIS A 81 25.54 1.66 15.51
CA HIS A 81 24.90 1.11 16.69
C HIS A 81 25.86 1.13 17.87
N HIS A 82 25.37 1.56 19.02
CA HIS A 82 26.17 1.63 20.24
C HIS A 82 27.41 2.50 20.02
N MET A 1 11.33 -3.37 4.03
CA MET A 1 10.03 -2.66 4.11
C MET A 1 9.12 -3.36 5.13
N LYS A 2 8.27 -2.59 5.78
CA LYS A 2 7.35 -3.15 6.78
C LYS A 2 6.04 -3.57 6.12
N SER A 3 5.92 -4.88 5.85
CA SER A 3 4.73 -5.47 5.22
C SER A 3 3.69 -4.41 4.85
N PHE A 4 3.55 -4.16 3.55
CA PHE A 4 2.59 -3.18 3.07
C PHE A 4 1.22 -3.38 3.75
N TYR A 5 0.90 -4.64 4.03
CA TYR A 5 -0.36 -4.96 4.68
C TYR A 5 -0.47 -4.26 6.03
N HIS A 6 0.59 -4.31 6.82
CA HIS A 6 0.60 -3.67 8.14
C HIS A 6 0.56 -2.16 8.01
N TYR A 7 1.28 -1.62 7.03
CA TYR A 7 1.28 -0.18 6.84
C TYR A 7 -0.16 0.27 6.68
N LEU A 8 -0.88 -0.43 5.82
CA LEU A 8 -2.29 -0.15 5.60
C LEU A 8 -3.07 -0.28 6.90
N LEU A 9 -2.63 -1.19 7.78
CA LEU A 9 -3.31 -1.39 9.05
C LEU A 9 -3.30 -0.12 9.90
N LYS A 10 -2.33 0.77 9.63
CA LYS A 10 -2.23 2.01 10.38
C LYS A 10 -3.43 2.92 10.10
N TYR A 11 -3.97 2.81 8.89
CA TYR A 11 -5.12 3.61 8.50
C TYR A 11 -6.42 2.86 8.85
N ARG A 12 -6.27 1.77 9.61
CA ARG A 12 -7.40 0.95 10.04
C ARG A 12 -8.60 1.06 9.09
N HIS A 13 -9.79 1.14 9.66
CA HIS A 13 -11.02 1.24 8.86
C HIS A 13 -12.18 1.76 9.73
N PRO A 14 -12.00 2.91 10.33
CA PRO A 14 -13.04 3.53 11.20
C PRO A 14 -13.99 4.42 10.39
N LYS A 15 -13.69 5.73 10.34
CA LYS A 15 -14.50 6.68 9.60
C LYS A 15 -13.70 7.25 8.43
N PRO A 16 -13.70 6.55 7.31
CA PRO A 16 -12.95 6.98 6.08
C PRO A 16 -13.60 8.16 5.36
N LYS A 17 -12.79 8.88 4.58
CA LYS A 17 -13.26 10.02 3.81
C LYS A 17 -12.42 10.19 2.56
N ASP A 18 -11.11 10.03 2.72
CA ASP A 18 -10.18 10.14 1.59
C ASP A 18 -10.13 8.83 0.82
N SER A 19 -9.76 8.91 -0.45
CA SER A 19 -9.69 7.71 -1.30
C SER A 19 -8.83 6.63 -0.63
N ILE A 20 -7.71 7.04 -0.04
CA ILE A 20 -6.81 6.10 0.62
C ILE A 20 -7.50 5.42 1.81
N SER A 21 -8.30 6.19 2.54
CA SER A 21 -9.00 5.67 3.71
C SER A 21 -9.99 4.58 3.30
N GLU A 22 -10.80 4.88 2.27
CA GLU A 22 -11.79 3.92 1.79
C GLU A 22 -11.10 2.64 1.35
N PHE A 23 -9.93 2.78 0.73
CA PHE A 23 -9.17 1.63 0.26
C PHE A 23 -8.81 0.73 1.43
N ALA A 24 -8.41 1.37 2.54
CA ALA A 24 -8.05 0.65 3.75
C ALA A 24 -9.19 -0.28 4.18
N ASN A 25 -10.40 0.27 4.23
CA ASN A 25 -11.58 -0.51 4.63
C ASN A 25 -11.75 -1.73 3.71
N GLN A 26 -11.68 -1.49 2.41
CA GLN A 26 -11.84 -2.56 1.42
C GLN A 26 -10.72 -3.60 1.56
N ALA A 27 -9.49 -3.12 1.60
CA ALA A 27 -8.33 -4.00 1.71
C ALA A 27 -8.44 -4.87 2.96
N TYR A 28 -9.10 -4.35 4.00
CA TYR A 28 -9.27 -5.09 5.24
C TYR A 28 -10.01 -6.41 4.99
N GLU A 29 -10.91 -6.39 4.02
CA GLU A 29 -11.69 -7.57 3.68
C GLU A 29 -10.94 -8.45 2.67
N ASP A 30 -9.82 -7.94 2.14
CA ASP A 30 -9.04 -8.69 1.17
C ASP A 30 -8.15 -9.71 1.87
N HIS A 31 -8.73 -10.85 2.23
CA HIS A 31 -7.98 -11.92 2.89
C HIS A 31 -6.93 -12.52 1.96
N SER A 32 -6.89 -12.03 0.72
CA SER A 32 -5.92 -12.54 -0.25
C SER A 32 -4.71 -11.62 -0.34
N PHE A 33 -4.84 -10.42 0.20
CA PHE A 33 -3.74 -9.45 0.18
C PHE A 33 -2.44 -10.13 0.63
N PRO A 34 -1.49 -10.29 -0.26
CA PRO A 34 -0.18 -10.94 0.05
C PRO A 34 0.51 -10.33 1.27
N LYS A 35 0.04 -10.72 2.46
CA LYS A 35 0.62 -10.21 3.70
C LYS A 35 2.10 -10.59 3.81
N THR A 36 2.45 -11.75 3.26
CA THR A 36 3.84 -12.23 3.31
C THR A 36 4.56 -11.96 1.99
N SER A 37 4.36 -10.75 1.44
CA SER A 37 4.99 -10.36 0.19
C SER A 37 4.53 -8.96 -0.20
N THR A 38 5.48 -8.12 -0.61
CA THR A 38 5.14 -6.76 -1.01
C THR A 38 5.93 -6.39 -2.25
N ASP A 39 5.23 -6.33 -3.38
CA ASP A 39 5.84 -5.99 -4.64
C ASP A 39 4.86 -5.19 -5.49
N TYR A 40 5.30 -4.04 -5.98
CA TYR A 40 4.43 -3.19 -6.79
C TYR A 40 3.93 -3.92 -8.04
N HIS A 41 4.85 -4.45 -8.82
CA HIS A 41 4.49 -5.15 -10.06
C HIS A 41 3.62 -6.38 -9.79
N GLU A 42 4.06 -7.24 -8.89
CA GLU A 42 3.33 -8.46 -8.58
C GLU A 42 1.93 -8.17 -8.02
N ILE A 43 1.87 -7.32 -6.98
CA ILE A 43 0.60 -7.00 -6.36
C ILE A 43 -0.29 -6.19 -7.31
N SER A 44 0.29 -5.23 -8.02
CA SER A 44 -0.48 -4.42 -8.96
C SER A 44 -1.26 -5.32 -9.92
N SER A 45 -0.60 -6.38 -10.38
CA SER A 45 -1.23 -7.33 -11.29
C SER A 45 -2.41 -8.00 -10.60
N TYR A 46 -2.21 -8.41 -9.35
CA TYR A 46 -3.27 -9.06 -8.58
C TYR A 46 -4.46 -8.12 -8.44
N LEU A 47 -4.19 -6.84 -8.25
CA LEU A 47 -5.25 -5.85 -8.11
C LEU A 47 -5.89 -5.56 -9.46
N GLU A 48 -5.06 -5.41 -10.48
CA GLU A 48 -5.56 -5.14 -11.83
C GLU A 48 -6.38 -6.31 -12.34
N LEU A 49 -5.90 -7.52 -12.09
CA LEU A 49 -6.62 -8.72 -12.52
C LEU A 49 -7.96 -8.83 -11.79
N ASN A 50 -7.94 -8.43 -10.52
CA ASN A 50 -9.17 -8.45 -9.72
C ASN A 50 -10.16 -7.42 -10.25
N ALA A 51 -11.28 -7.88 -10.79
CA ALA A 51 -12.28 -6.97 -11.33
C ALA A 51 -12.77 -6.02 -10.24
N ASP A 52 -12.66 -6.46 -8.99
CA ASP A 52 -13.08 -5.66 -7.85
C ASP A 52 -12.20 -4.43 -7.70
N TYR A 53 -10.88 -4.63 -7.76
CA TYR A 53 -9.93 -3.54 -7.60
C TYR A 53 -9.55 -2.94 -8.96
N LEU A 54 -10.02 -3.55 -10.05
CA LEU A 54 -9.71 -3.05 -11.38
C LEU A 54 -10.00 -1.55 -11.48
N HIS A 55 -11.09 -1.12 -10.84
CA HIS A 55 -11.46 0.29 -10.85
C HIS A 55 -10.97 0.96 -9.56
N THR A 56 -9.72 0.65 -9.19
CA THR A 56 -9.13 1.21 -7.98
C THR A 56 -7.64 1.49 -8.20
N MET A 57 -7.16 1.23 -9.41
CA MET A 57 -5.75 1.46 -9.74
C MET A 57 -5.34 2.88 -9.36
N ALA A 58 -6.26 3.82 -9.59
CA ALA A 58 -5.99 5.23 -9.26
C ALA A 58 -5.66 5.38 -7.79
N THR A 59 -6.43 4.72 -6.93
CA THR A 59 -6.21 4.80 -5.49
C THR A 59 -4.96 4.02 -5.10
N PHE A 60 -4.82 2.81 -5.63
CA PHE A 60 -3.67 1.97 -5.32
C PHE A 60 -2.38 2.71 -5.67
N ASP A 61 -2.32 3.23 -6.89
CA ASP A 61 -1.13 3.95 -7.35
C ASP A 61 -0.79 5.07 -6.37
N GLU A 62 -1.80 5.86 -6.00
CA GLU A 62 -1.61 6.96 -5.07
C GLU A 62 -1.19 6.45 -3.70
N ALA A 63 -1.82 5.38 -3.24
CA ALA A 63 -1.50 4.81 -1.94
C ALA A 63 -0.05 4.36 -1.91
N TRP A 64 0.38 3.63 -2.95
CA TRP A 64 1.75 3.17 -3.04
C TRP A 64 2.71 4.35 -2.98
N ASP A 65 2.42 5.39 -3.76
CA ASP A 65 3.26 6.58 -3.78
C ASP A 65 3.50 7.09 -2.37
N GLN A 66 2.43 7.11 -1.58
CA GLN A 66 2.51 7.58 -0.19
C GLN A 66 3.28 6.57 0.67
N TYR A 67 2.97 5.28 0.47
CA TYR A 67 3.64 4.22 1.23
C TYR A 67 5.15 4.34 1.09
N GLU A 68 5.63 4.29 -0.15
CA GLU A 68 7.06 4.39 -0.41
C GLU A 68 7.63 5.67 0.20
N SER A 69 6.89 6.78 0.05
CA SER A 69 7.32 8.06 0.56
C SER A 69 7.56 8.00 2.07
N GLU A 70 6.84 7.12 2.76
CA GLU A 70 6.99 6.98 4.20
C GLU A 70 8.17 6.09 4.55
N VAL A 71 8.45 5.11 3.68
CA VAL A 71 9.57 4.20 3.89
C VAL A 71 10.83 4.74 3.22
N HIS A 72 10.63 5.68 2.31
CA HIS A 72 11.73 6.30 1.56
C HIS A 72 12.45 7.32 2.43
N GLY A 73 11.88 7.61 3.61
CA GLY A 73 12.48 8.57 4.53
C GLY A 73 13.95 8.28 4.77
N ARG A 74 14.28 7.01 4.98
CA ARG A 74 15.66 6.60 5.23
C ARG A 74 16.41 6.45 3.92
N LEU A 75 17.72 6.71 3.97
CA LEU A 75 18.56 6.60 2.79
C LEU A 75 19.41 5.34 2.87
N GLU A 76 18.93 4.36 3.62
CA GLU A 76 19.62 3.09 3.80
C GLU A 76 20.88 3.26 4.64
N HIS A 77 21.69 4.25 4.29
CA HIS A 77 22.93 4.51 5.02
C HIS A 77 22.68 5.48 6.17
N HIS A 78 23.59 5.49 7.13
CA HIS A 78 23.45 6.38 8.29
C HIS A 78 24.16 7.71 8.03
N HIS A 79 24.32 8.05 6.75
CA HIS A 79 24.98 9.30 6.37
C HIS A 79 26.47 9.25 6.69
N HIS A 80 27.30 9.33 5.66
CA HIS A 80 28.75 9.29 5.83
C HIS A 80 29.35 10.69 5.69
N HIS A 81 29.77 11.03 4.48
CA HIS A 81 30.36 12.34 4.22
C HIS A 81 30.30 12.64 2.73
N HIS A 82 30.63 11.64 1.91
CA HIS A 82 30.61 11.80 0.46
C HIS A 82 29.29 11.27 -0.12
N MET A 1 10.86 -3.60 5.69
CA MET A 1 10.71 -2.24 5.06
C MET A 1 9.29 -1.74 5.25
N LYS A 2 8.64 -2.18 6.32
CA LYS A 2 7.28 -1.76 6.63
C LYS A 2 6.28 -2.32 5.60
N SER A 3 5.53 -3.35 6.02
CA SER A 3 4.54 -3.96 5.14
C SER A 3 3.48 -2.94 4.74
N PHE A 4 3.12 -2.92 3.45
CA PHE A 4 2.11 -1.99 2.96
C PHE A 4 0.82 -2.14 3.75
N TYR A 5 0.43 -3.38 4.02
CA TYR A 5 -0.79 -3.66 4.77
C TYR A 5 -0.71 -3.09 6.19
N HIS A 6 0.45 -3.26 6.82
CA HIS A 6 0.64 -2.77 8.18
C HIS A 6 0.59 -1.25 8.22
N TYR A 7 1.33 -0.61 7.33
CA TYR A 7 1.32 0.84 7.29
C TYR A 7 -0.13 1.27 7.08
N LEU A 8 -0.74 0.70 6.05
CA LEU A 8 -2.14 0.97 5.75
C LEU A 8 -3.02 0.61 6.96
N LEU A 9 -2.55 -0.33 7.80
CA LEU A 9 -3.34 -0.73 8.95
C LEU A 9 -3.59 0.45 9.88
N LYS A 10 -2.71 1.46 9.82
CA LYS A 10 -2.87 2.65 10.65
C LYS A 10 -4.04 3.49 10.16
N TYR A 11 -4.44 3.23 8.92
CA TYR A 11 -5.57 3.94 8.32
C TYR A 11 -6.82 3.08 8.49
N ARG A 12 -7.00 2.60 9.72
CA ARG A 12 -8.14 1.74 10.05
C ARG A 12 -9.43 2.25 9.43
N HIS A 13 -10.40 1.35 9.33
CA HIS A 13 -11.69 1.67 8.73
C HIS A 13 -12.50 2.63 9.60
N PRO A 14 -12.77 2.28 10.84
CA PRO A 14 -13.55 3.13 11.78
C PRO A 14 -13.34 4.63 11.56
N LYS A 15 -14.42 5.33 11.22
CA LYS A 15 -14.38 6.78 11.01
C LYS A 15 -13.58 7.15 9.76
N PRO A 16 -13.95 6.64 8.61
CA PRO A 16 -13.25 6.98 7.33
C PRO A 16 -13.60 8.41 6.89
N LYS A 17 -12.73 9.02 6.07
CA LYS A 17 -12.97 10.38 5.62
C LYS A 17 -12.38 10.63 4.23
N ASP A 18 -11.06 10.54 4.12
CA ASP A 18 -10.39 10.78 2.84
C ASP A 18 -10.48 9.56 1.93
N SER A 19 -10.30 9.79 0.63
CA SER A 19 -10.36 8.71 -0.35
C SER A 19 -9.43 7.57 0.06
N ILE A 20 -8.22 7.92 0.48
CA ILE A 20 -7.25 6.92 0.90
C ILE A 20 -7.80 6.14 2.10
N SER A 21 -8.53 6.85 2.95
CA SER A 21 -9.12 6.22 4.13
C SER A 21 -10.15 5.18 3.71
N GLU A 22 -11.04 5.56 2.79
CA GLU A 22 -12.06 4.65 2.30
C GLU A 22 -11.43 3.41 1.70
N PHE A 23 -10.31 3.60 0.99
CA PHE A 23 -9.60 2.49 0.38
C PHE A 23 -9.16 1.51 1.47
N ALA A 24 -8.66 2.06 2.57
CA ALA A 24 -8.20 1.25 3.69
C ALA A 24 -9.31 0.32 4.18
N ASN A 25 -10.53 0.86 4.32
CA ASN A 25 -11.66 0.06 4.77
C ASN A 25 -11.85 -1.16 3.87
N GLN A 26 -11.84 -0.92 2.56
CA GLN A 26 -12.00 -1.98 1.59
C GLN A 26 -10.82 -2.96 1.64
N ALA A 27 -9.61 -2.41 1.61
CA ALA A 27 -8.38 -3.22 1.64
C ALA A 27 -8.32 -4.10 2.87
N TYR A 28 -8.87 -3.61 3.99
CA TYR A 28 -8.86 -4.36 5.23
C TYR A 28 -9.60 -5.69 5.08
N GLU A 29 -10.57 -5.72 4.17
CA GLU A 29 -11.36 -6.91 3.93
C GLU A 29 -10.66 -7.87 2.97
N ASP A 30 -9.54 -7.42 2.40
CA ASP A 30 -8.79 -8.25 1.47
C ASP A 30 -7.89 -9.22 2.23
N HIS A 31 -8.49 -10.32 2.68
CA HIS A 31 -7.76 -11.34 3.43
C HIS A 31 -6.66 -11.96 2.57
N SER A 32 -6.68 -11.66 1.27
CA SER A 32 -5.69 -12.22 0.35
C SER A 32 -4.55 -11.21 0.11
N PHE A 33 -4.70 -10.02 0.69
CA PHE A 33 -3.68 -8.98 0.54
C PHE A 33 -2.30 -9.53 0.89
N PRO A 34 -1.31 -9.28 0.06
CA PRO A 34 0.08 -9.75 0.31
C PRO A 34 0.76 -8.97 1.43
N LYS A 35 0.12 -8.95 2.60
CA LYS A 35 0.66 -8.23 3.76
C LYS A 35 2.07 -8.71 4.09
N THR A 36 2.38 -9.95 3.69
CA THR A 36 3.70 -10.53 3.95
C THR A 36 4.60 -10.40 2.73
N SER A 37 4.41 -9.33 1.96
CA SER A 37 5.22 -9.09 0.76
C SER A 37 4.76 -7.82 0.06
N THR A 38 5.55 -6.76 0.20
CA THR A 38 5.22 -5.50 -0.43
C THR A 38 6.12 -5.26 -1.64
N ASP A 39 5.52 -5.37 -2.82
CA ASP A 39 6.24 -5.18 -4.07
C ASP A 39 5.32 -4.51 -5.08
N TYR A 40 5.77 -3.38 -5.63
CA TYR A 40 4.98 -2.64 -6.59
C TYR A 40 4.46 -3.54 -7.72
N HIS A 41 5.36 -4.29 -8.34
CA HIS A 41 4.99 -5.16 -9.45
C HIS A 41 3.97 -6.22 -9.04
N GLU A 42 4.27 -6.96 -7.97
CA GLU A 42 3.37 -8.02 -7.51
C GLU A 42 1.99 -7.47 -7.14
N ILE A 43 1.97 -6.44 -6.31
CA ILE A 43 0.70 -5.84 -5.88
C ILE A 43 0.02 -5.12 -7.04
N SER A 44 0.79 -4.42 -7.86
CA SER A 44 0.24 -3.70 -9.00
C SER A 44 -0.64 -4.62 -9.86
N SER A 45 -0.09 -5.78 -10.21
CA SER A 45 -0.83 -6.74 -11.03
C SER A 45 -2.06 -7.25 -10.28
N TYR A 46 -1.90 -7.48 -8.99
CA TYR A 46 -3.01 -7.98 -8.16
C TYR A 46 -4.17 -7.00 -8.19
N LEU A 47 -3.87 -5.71 -8.03
CA LEU A 47 -4.91 -4.69 -8.04
C LEU A 47 -5.43 -4.46 -9.46
N GLU A 48 -4.52 -4.56 -10.43
CA GLU A 48 -4.89 -4.39 -11.83
C GLU A 48 -5.86 -5.48 -12.26
N LEU A 49 -5.52 -6.72 -11.95
CA LEU A 49 -6.36 -7.85 -12.31
C LEU A 49 -7.68 -7.80 -11.55
N ASN A 50 -7.62 -7.34 -10.30
CA ASN A 50 -8.81 -7.23 -9.47
C ASN A 50 -9.73 -6.14 -10.03
N ALA A 51 -10.90 -6.55 -10.52
CA ALA A 51 -11.86 -5.60 -11.08
C ALA A 51 -12.44 -4.70 -9.99
N ASP A 52 -12.56 -5.23 -8.78
CA ASP A 52 -13.10 -4.47 -7.66
C ASP A 52 -12.19 -3.30 -7.30
N TYR A 53 -10.88 -3.50 -7.45
CA TYR A 53 -9.92 -2.45 -7.13
C TYR A 53 -9.56 -1.65 -8.38
N LEU A 54 -9.81 -2.24 -9.55
CA LEU A 54 -9.52 -1.58 -10.81
C LEU A 54 -10.22 -0.23 -10.89
N HIS A 55 -11.44 -0.17 -10.37
CA HIS A 55 -12.24 1.05 -10.38
C HIS A 55 -11.65 2.12 -9.46
N THR A 56 -10.52 1.81 -8.82
CA THR A 56 -9.88 2.77 -7.93
C THR A 56 -8.35 2.66 -8.01
N MET A 57 -7.86 2.33 -9.20
CA MET A 57 -6.42 2.21 -9.42
C MET A 57 -5.72 3.54 -9.16
N ALA A 58 -6.41 4.64 -9.49
CA ALA A 58 -5.88 5.97 -9.30
C ALA A 58 -5.58 6.23 -7.83
N THR A 59 -6.41 5.67 -6.95
CA THR A 59 -6.23 5.83 -5.51
C THR A 59 -5.03 5.03 -5.04
N PHE A 60 -4.85 3.84 -5.60
CA PHE A 60 -3.71 3.00 -5.23
C PHE A 60 -2.41 3.69 -5.62
N ASP A 61 -2.34 4.16 -6.86
CA ASP A 61 -1.15 4.86 -7.33
C ASP A 61 -0.77 5.97 -6.36
N GLU A 62 -1.76 6.74 -5.95
CA GLU A 62 -1.55 7.84 -5.01
C GLU A 62 -1.12 7.29 -3.65
N ALA A 63 -1.74 6.18 -3.25
CA ALA A 63 -1.41 5.57 -1.97
C ALA A 63 0.05 5.12 -1.96
N TRP A 64 0.46 4.44 -3.03
CA TRP A 64 1.83 3.98 -3.14
C TRP A 64 2.79 5.15 -3.00
N ASP A 65 2.51 6.25 -3.71
CA ASP A 65 3.34 7.44 -3.64
C ASP A 65 3.54 7.85 -2.19
N GLN A 66 2.47 7.73 -1.40
CA GLN A 66 2.52 8.07 0.01
C GLN A 66 3.38 7.06 0.75
N TYR A 67 3.13 5.79 0.49
CA TYR A 67 3.90 4.71 1.12
C TYR A 67 5.39 4.96 0.96
N GLU A 68 5.82 5.13 -0.29
CA GLU A 68 7.23 5.39 -0.58
C GLU A 68 7.73 6.60 0.19
N SER A 69 6.99 7.71 0.11
CA SER A 69 7.36 8.94 0.79
C SER A 69 7.66 8.68 2.27
N GLU A 70 7.03 7.64 2.82
CA GLU A 70 7.21 7.30 4.23
C GLU A 70 8.48 6.48 4.46
N VAL A 71 8.61 5.37 3.72
CA VAL A 71 9.76 4.47 3.89
C VAL A 71 10.95 4.88 3.02
N HIS A 72 10.71 5.72 2.02
CA HIS A 72 11.79 6.16 1.13
C HIS A 72 12.66 7.22 1.83
N GLY A 73 12.28 7.59 3.05
CA GLY A 73 13.01 8.59 3.81
C GLY A 73 14.17 7.93 4.56
N ARG A 74 14.09 6.61 4.72
CA ARG A 74 15.12 5.86 5.41
C ARG A 74 16.28 5.54 4.49
N LEU A 75 16.68 4.29 4.48
CA LEU A 75 17.79 3.83 3.65
C LEU A 75 19.06 4.54 4.11
N GLU A 76 19.11 4.81 5.41
CA GLU A 76 20.23 5.51 6.02
C GLU A 76 21.46 4.59 6.10
N HIS A 77 21.54 3.63 5.18
CA HIS A 77 22.67 2.70 5.16
C HIS A 77 23.05 2.36 3.72
N HIS A 78 24.29 1.91 3.53
CA HIS A 78 24.77 1.55 2.19
C HIS A 78 26.00 0.65 2.30
N HIS A 79 25.86 -0.59 1.85
CA HIS A 79 26.97 -1.54 1.89
C HIS A 79 27.93 -1.31 0.74
N HIS A 80 29.19 -1.73 0.94
CA HIS A 80 30.23 -1.56 -0.08
C HIS A 80 30.47 -0.09 -0.38
N HIS A 81 31.58 0.44 0.16
CA HIS A 81 31.93 1.85 -0.06
C HIS A 81 32.52 2.06 -1.45
N HIS A 82 32.90 3.30 -1.75
CA HIS A 82 33.48 3.62 -3.05
C HIS A 82 34.87 3.01 -3.19
N MET A 1 11.61 -1.15 5.71
CA MET A 1 10.71 -1.40 4.54
C MET A 1 9.52 -2.23 5.00
N LYS A 2 8.85 -1.78 6.06
CA LYS A 2 7.69 -2.50 6.59
C LYS A 2 6.69 -2.80 5.48
N SER A 3 5.89 -3.85 5.68
CA SER A 3 4.90 -4.23 4.68
C SER A 3 3.93 -3.09 4.41
N PHE A 4 3.64 -2.86 3.13
CA PHE A 4 2.72 -1.79 2.74
C PHE A 4 1.38 -1.96 3.44
N TYR A 5 0.94 -3.21 3.58
CA TYR A 5 -0.32 -3.51 4.23
C TYR A 5 -0.27 -3.07 5.69
N HIS A 6 0.88 -3.27 6.34
CA HIS A 6 1.04 -2.87 7.73
C HIS A 6 1.00 -1.37 7.88
N TYR A 7 1.82 -0.68 7.09
CA TYR A 7 1.85 0.78 7.14
C TYR A 7 0.43 1.28 6.90
N LEU A 8 -0.16 0.76 5.83
CA LEU A 8 -1.54 1.11 5.50
C LEU A 8 -2.47 0.76 6.66
N LEU A 9 -2.08 -0.25 7.45
CA LEU A 9 -2.90 -0.67 8.58
C LEU A 9 -3.09 0.48 9.58
N LYS A 10 -2.17 1.44 9.55
CA LYS A 10 -2.25 2.59 10.46
C LYS A 10 -3.43 3.49 10.12
N TYR A 11 -3.93 3.38 8.89
CA TYR A 11 -5.05 4.19 8.44
C TYR A 11 -6.38 3.48 8.71
N ARG A 12 -6.34 2.44 9.55
CA ARG A 12 -7.51 1.66 9.93
C ARG A 12 -8.66 1.79 8.94
N HIS A 13 -9.88 1.95 9.48
CA HIS A 13 -11.05 2.06 8.62
C HIS A 13 -12.27 2.65 9.37
N PRO A 14 -12.09 3.67 10.18
CA PRO A 14 -13.21 4.32 10.92
C PRO A 14 -13.86 5.44 10.10
N LYS A 15 -14.99 5.12 9.47
CA LYS A 15 -15.71 6.11 8.64
C LYS A 15 -14.73 6.86 7.74
N PRO A 16 -14.42 6.31 6.58
CA PRO A 16 -13.48 6.94 5.61
C PRO A 16 -14.07 8.17 4.93
N LYS A 17 -13.19 9.00 4.35
CA LYS A 17 -13.61 10.21 3.65
C LYS A 17 -12.66 10.49 2.49
N ASP A 18 -11.35 10.34 2.74
CA ASP A 18 -10.35 10.57 1.71
C ASP A 18 -10.21 9.33 0.83
N SER A 19 -9.79 9.54 -0.42
CA SER A 19 -9.63 8.43 -1.35
C SER A 19 -8.73 7.34 -0.77
N ILE A 20 -7.61 7.75 -0.18
CA ILE A 20 -6.67 6.80 0.42
C ILE A 20 -7.32 6.09 1.60
N SER A 21 -8.15 6.82 2.34
CA SER A 21 -8.83 6.25 3.50
C SER A 21 -9.75 5.12 3.06
N GLU A 22 -10.53 5.36 2.01
CA GLU A 22 -11.45 4.35 1.50
C GLU A 22 -10.68 3.09 1.10
N PHE A 23 -9.50 3.28 0.53
CA PHE A 23 -8.67 2.16 0.13
C PHE A 23 -8.32 1.31 1.34
N ALA A 24 -8.02 1.98 2.45
CA ALA A 24 -7.68 1.31 3.70
C ALA A 24 -8.79 0.34 4.12
N ASN A 25 -10.03 0.82 4.10
CA ASN A 25 -11.18 -0.01 4.49
C ASN A 25 -11.23 -1.28 3.65
N GLN A 26 -11.09 -1.13 2.34
CA GLN A 26 -11.14 -2.27 1.44
C GLN A 26 -9.99 -3.24 1.73
N ALA A 27 -8.78 -2.71 1.82
CA ALA A 27 -7.61 -3.53 2.10
C ALA A 27 -7.77 -4.28 3.43
N TYR A 28 -8.53 -3.68 4.34
CA TYR A 28 -8.77 -4.28 5.66
C TYR A 28 -9.47 -5.62 5.51
N GLU A 29 -10.36 -5.73 4.53
CA GLU A 29 -11.10 -6.96 4.29
C GLU A 29 -10.31 -7.91 3.39
N ASP A 30 -8.99 -7.80 3.42
CA ASP A 30 -8.13 -8.65 2.61
C ASP A 30 -8.00 -10.04 3.24
N HIS A 31 -7.20 -10.90 2.62
CA HIS A 31 -6.99 -12.25 3.12
C HIS A 31 -5.94 -12.96 2.28
N SER A 32 -6.02 -12.78 0.96
CA SER A 32 -5.07 -13.40 0.05
C SER A 32 -4.00 -12.40 -0.37
N PHE A 33 -4.27 -11.12 -0.11
CA PHE A 33 -3.32 -10.05 -0.45
C PHE A 33 -1.92 -10.40 0.05
N PRO A 34 -0.90 -10.14 -0.72
CA PRO A 34 0.51 -10.43 -0.33
C PRO A 34 1.00 -9.50 0.78
N LYS A 35 0.27 -9.49 1.88
CA LYS A 35 0.62 -8.65 3.03
C LYS A 35 2.04 -8.95 3.50
N THR A 36 2.50 -10.17 3.22
CA THR A 36 3.85 -10.59 3.61
C THR A 36 4.83 -10.38 2.45
N SER A 37 4.67 -9.25 1.74
CA SER A 37 5.53 -8.93 0.61
C SER A 37 5.06 -7.62 -0.03
N THR A 38 5.93 -6.61 -0.02
CA THR A 38 5.59 -5.32 -0.61
C THR A 38 6.34 -5.12 -1.91
N ASP A 39 5.62 -5.23 -3.01
CA ASP A 39 6.21 -5.05 -4.33
C ASP A 39 5.19 -4.40 -5.26
N TYR A 40 5.55 -3.24 -5.80
CA TYR A 40 4.65 -2.51 -6.69
C TYR A 40 4.23 -3.37 -7.89
N HIS A 41 5.20 -4.05 -8.51
CA HIS A 41 4.92 -4.88 -9.68
C HIS A 41 3.96 -6.02 -9.35
N GLU A 42 4.29 -6.80 -8.33
CA GLU A 42 3.45 -7.93 -7.93
C GLU A 42 2.06 -7.47 -7.48
N ILE A 43 2.03 -6.50 -6.57
CA ILE A 43 0.77 -6.00 -6.05
C ILE A 43 -0.02 -5.31 -7.15
N SER A 44 0.68 -4.60 -8.05
CA SER A 44 0.01 -3.91 -9.16
C SER A 44 -0.89 -4.89 -9.91
N SER A 45 -0.33 -6.05 -10.25
CA SER A 45 -1.08 -7.07 -10.97
C SER A 45 -2.25 -7.57 -10.12
N TYR A 46 -2.02 -7.66 -8.81
CA TYR A 46 -3.06 -8.12 -7.88
C TYR A 46 -4.29 -7.23 -7.98
N LEU A 47 -4.06 -5.92 -8.08
CA LEU A 47 -5.16 -4.97 -8.20
C LEU A 47 -5.81 -5.10 -9.56
N GLU A 48 -4.99 -5.16 -10.60
CA GLU A 48 -5.50 -5.30 -11.97
C GLU A 48 -6.22 -6.63 -12.13
N LEU A 49 -5.84 -7.61 -11.32
CA LEU A 49 -6.45 -8.93 -11.36
C LEU A 49 -7.91 -8.87 -10.93
N ASN A 50 -8.32 -7.72 -10.40
CA ASN A 50 -9.70 -7.54 -9.93
C ASN A 50 -10.14 -6.09 -10.13
N ALA A 51 -11.09 -5.91 -11.04
CA ALA A 51 -11.63 -4.58 -11.38
C ALA A 51 -12.04 -3.78 -10.14
N ASP A 52 -12.36 -4.47 -9.05
CA ASP A 52 -12.78 -3.79 -7.83
C ASP A 52 -11.72 -2.79 -7.37
N TYR A 53 -10.46 -3.10 -7.66
CA TYR A 53 -9.35 -2.23 -7.28
C TYR A 53 -8.98 -1.31 -8.45
N LEU A 54 -9.32 -1.73 -9.67
CA LEU A 54 -9.03 -0.93 -10.85
C LEU A 54 -9.60 0.48 -10.71
N HIS A 55 -10.80 0.57 -10.14
CA HIS A 55 -11.46 1.86 -9.95
C HIS A 55 -10.80 2.65 -8.82
N THR A 56 -9.66 2.16 -8.34
CA THR A 56 -8.93 2.82 -7.27
C THR A 56 -7.43 2.79 -7.54
N MET A 57 -7.06 2.23 -8.68
CA MET A 57 -5.66 2.15 -9.07
C MET A 57 -5.03 3.53 -8.96
N ALA A 58 -5.85 4.56 -9.19
CA ALA A 58 -5.39 5.93 -9.10
C ALA A 58 -4.93 6.24 -7.68
N THR A 59 -5.69 5.75 -6.72
CA THR A 59 -5.37 5.96 -5.31
C THR A 59 -4.17 5.12 -4.89
N PHE A 60 -4.12 3.89 -5.39
CA PHE A 60 -3.01 2.99 -5.07
C PHE A 60 -1.69 3.63 -5.47
N ASP A 61 -1.62 4.10 -6.71
CA ASP A 61 -0.41 4.75 -7.21
C ASP A 61 -0.02 5.91 -6.30
N GLU A 62 -1.01 6.73 -5.97
CA GLU A 62 -0.79 7.88 -5.09
C GLU A 62 -0.38 7.43 -3.69
N ALA A 63 -1.01 6.36 -3.22
CA ALA A 63 -0.70 5.83 -1.89
C ALA A 63 0.77 5.42 -1.82
N TRP A 64 1.22 4.69 -2.84
CA TRP A 64 2.61 4.24 -2.90
C TRP A 64 3.56 5.43 -2.76
N ASP A 65 3.30 6.48 -3.55
CA ASP A 65 4.13 7.68 -3.51
C ASP A 65 4.25 8.18 -2.08
N GLN A 66 3.13 8.14 -1.36
CA GLN A 66 3.11 8.59 0.03
C GLN A 66 3.85 7.59 0.91
N TYR A 67 3.58 6.30 0.70
CA TYR A 67 4.23 5.24 1.46
C TYR A 67 5.75 5.41 1.40
N GLU A 68 6.28 5.42 0.18
CA GLU A 68 7.72 5.59 -0.02
C GLU A 68 8.22 6.85 0.68
N SER A 69 7.48 7.93 0.54
CA SER A 69 7.87 9.20 1.16
C SER A 69 8.08 9.06 2.66
N GLU A 70 7.34 8.14 3.29
CA GLU A 70 7.46 7.92 4.73
C GLU A 70 8.62 6.99 5.06
N VAL A 71 8.91 6.07 4.15
CA VAL A 71 10.01 5.13 4.33
C VAL A 71 11.27 5.70 3.68
N HIS A 72 11.12 6.04 2.40
CA HIS A 72 12.20 6.61 1.61
C HIS A 72 12.50 8.04 2.07
N GLY A 73 11.84 8.47 3.16
CA GLY A 73 12.06 9.81 3.69
C GLY A 73 13.50 10.00 4.15
N ARG A 74 14.31 8.94 4.00
CA ARG A 74 15.72 8.99 4.39
C ARG A 74 16.54 9.70 3.32
N LEU A 75 17.75 10.10 3.71
CA LEU A 75 18.65 10.79 2.79
C LEU A 75 20.05 10.17 2.87
N GLU A 76 20.09 8.89 3.20
CA GLU A 76 21.35 8.16 3.33
C GLU A 76 21.15 6.69 2.99
N HIS A 77 20.65 6.43 1.79
CA HIS A 77 20.39 5.06 1.34
C HIS A 77 21.66 4.21 1.44
N HIS A 78 21.52 2.98 1.93
CA HIS A 78 22.66 2.07 2.07
C HIS A 78 22.23 0.63 1.79
N HIS A 79 23.21 -0.20 1.44
CA HIS A 79 22.94 -1.61 1.14
C HIS A 79 23.05 -2.45 2.41
N HIS A 80 24.28 -2.81 2.78
CA HIS A 80 24.52 -3.61 3.98
C HIS A 80 25.99 -3.60 4.35
N HIS A 81 26.39 -2.62 5.15
CA HIS A 81 27.78 -2.49 5.58
C HIS A 81 27.87 -2.12 7.06
N HIS A 82 26.71 -2.05 7.72
CA HIS A 82 26.68 -1.71 9.14
C HIS A 82 27.41 -2.76 9.98
N MET A 1 11.89 -1.14 6.20
CA MET A 1 10.53 -1.54 5.76
C MET A 1 9.72 -1.98 6.96
N LYS A 2 8.41 -2.19 6.76
CA LYS A 2 7.53 -2.61 7.84
C LYS A 2 6.33 -3.39 7.30
N SER A 3 6.18 -3.37 5.96
CA SER A 3 5.08 -4.07 5.28
C SER A 3 3.97 -3.09 4.91
N PHE A 4 3.59 -3.10 3.63
CA PHE A 4 2.55 -2.20 3.14
C PHE A 4 1.26 -2.40 3.93
N TYR A 5 0.88 -3.65 4.17
CA TYR A 5 -0.33 -3.96 4.91
C TYR A 5 -0.28 -3.37 6.31
N HIS A 6 0.84 -3.55 7.00
CA HIS A 6 1.00 -3.02 8.35
C HIS A 6 1.00 -1.50 8.32
N TYR A 7 1.69 -0.92 7.35
CA TYR A 7 1.72 0.52 7.24
C TYR A 7 0.28 0.98 7.10
N LEU A 8 -0.43 0.31 6.20
CA LEU A 8 -1.84 0.58 5.97
C LEU A 8 -2.64 0.37 7.26
N LEU A 9 -2.16 -0.55 8.13
CA LEU A 9 -2.87 -0.82 9.38
C LEU A 9 -2.99 0.45 10.22
N LYS A 10 -2.06 1.39 9.98
CA LYS A 10 -2.07 2.66 10.71
C LYS A 10 -3.27 3.50 10.25
N TYR A 11 -3.76 3.18 9.06
CA TYR A 11 -4.91 3.85 8.50
C TYR A 11 -6.16 3.04 8.81
N ARG A 12 -6.25 2.62 10.07
CA ARG A 12 -7.36 1.80 10.57
C ARG A 12 -8.69 2.12 9.85
N HIS A 13 -9.54 1.10 9.78
CA HIS A 13 -10.83 1.22 9.13
C HIS A 13 -11.76 2.17 9.88
N PRO A 14 -11.84 2.05 11.19
CA PRO A 14 -12.72 2.92 12.02
C PRO A 14 -12.58 4.41 11.69
N LYS A 15 -13.73 5.05 11.47
CA LYS A 15 -13.76 6.49 11.15
C LYS A 15 -12.85 6.84 9.98
N PRO A 16 -13.11 6.29 8.82
CA PRO A 16 -12.31 6.57 7.60
C PRO A 16 -12.73 7.88 6.94
N LYS A 17 -13.55 7.75 5.91
CA LYS A 17 -14.08 8.89 5.15
C LYS A 17 -13.01 9.49 4.23
N ASP A 18 -11.74 9.24 4.55
CA ASP A 18 -10.65 9.76 3.72
C ASP A 18 -10.41 8.83 2.53
N SER A 19 -10.11 9.40 1.37
CA SER A 19 -9.88 8.59 0.17
C SER A 19 -8.80 7.53 0.44
N ILE A 20 -7.72 7.95 1.08
CA ILE A 20 -6.63 7.03 1.40
C ILE A 20 -7.11 5.99 2.42
N SER A 21 -7.84 6.46 3.43
CA SER A 21 -8.37 5.57 4.46
C SER A 21 -9.39 4.61 3.87
N GLU A 22 -10.19 5.12 2.93
CA GLU A 22 -11.22 4.31 2.28
C GLU A 22 -10.57 3.10 1.63
N PHE A 23 -9.40 3.33 1.03
CA PHE A 23 -8.67 2.22 0.42
C PHE A 23 -8.32 1.21 1.51
N ALA A 24 -7.86 1.74 2.64
CA ALA A 24 -7.51 0.90 3.78
C ALA A 24 -8.72 0.09 4.25
N ASN A 25 -9.89 0.72 4.32
CA ASN A 25 -11.10 0.05 4.76
C ASN A 25 -11.35 -1.20 3.91
N GLN A 26 -11.25 -1.05 2.59
CA GLN A 26 -11.45 -2.17 1.69
C GLN A 26 -10.40 -3.25 1.95
N ALA A 27 -9.14 -2.83 1.96
CA ALA A 27 -8.04 -3.76 2.21
C ALA A 27 -8.21 -4.45 3.57
N TYR A 28 -8.82 -3.73 4.50
CA TYR A 28 -9.05 -4.26 5.86
C TYR A 28 -9.94 -5.50 5.82
N GLU A 29 -10.79 -5.59 4.79
CA GLU A 29 -11.70 -6.72 4.65
C GLU A 29 -11.01 -7.89 3.95
N ASP A 30 -9.74 -7.72 3.61
CA ASP A 30 -8.99 -8.78 2.94
C ASP A 30 -8.52 -9.82 3.95
N HIS A 31 -7.59 -10.67 3.52
CA HIS A 31 -7.05 -11.72 4.38
C HIS A 31 -5.94 -12.48 3.65
N SER A 32 -6.04 -12.54 2.32
CA SER A 32 -5.05 -13.24 1.51
C SER A 32 -3.99 -12.26 1.02
N PHE A 33 -4.17 -10.98 1.35
CA PHE A 33 -3.22 -9.94 0.95
C PHE A 33 -1.80 -10.37 1.32
N PRO A 34 -0.84 -10.11 0.45
CA PRO A 34 0.59 -10.48 0.70
C PRO A 34 1.23 -9.65 1.82
N LYS A 35 0.62 -9.71 3.01
CA LYS A 35 1.12 -8.97 4.16
C LYS A 35 2.57 -9.34 4.47
N THR A 36 2.97 -10.55 4.04
CA THR A 36 4.33 -11.01 4.29
C THR A 36 5.23 -10.76 3.07
N SER A 37 4.98 -9.66 2.37
CA SER A 37 5.77 -9.29 1.20
C SER A 37 5.22 -8.01 0.56
N THR A 38 6.07 -7.00 0.44
CA THR A 38 5.63 -5.74 -0.17
C THR A 38 6.55 -5.34 -1.32
N ASP A 39 6.02 -5.44 -2.53
CA ASP A 39 6.76 -5.07 -3.73
C ASP A 39 5.80 -4.46 -4.74
N TYR A 40 6.15 -3.28 -5.26
CA TYR A 40 5.28 -2.59 -6.21
C TYR A 40 4.76 -3.55 -7.29
N HIS A 41 5.67 -4.36 -7.86
CA HIS A 41 5.28 -5.31 -8.89
C HIS A 41 4.31 -6.34 -8.30
N GLU A 42 4.67 -6.90 -7.16
CA GLU A 42 3.84 -7.91 -6.49
C GLU A 42 2.47 -7.33 -6.11
N ILE A 43 2.50 -6.18 -5.43
CA ILE A 43 1.26 -5.54 -4.99
C ILE A 43 0.42 -5.12 -6.19
N SER A 44 1.04 -4.43 -7.15
CA SER A 44 0.34 -3.98 -8.35
C SER A 44 -0.44 -5.14 -8.97
N SER A 45 0.19 -6.32 -9.01
CA SER A 45 -0.46 -7.50 -9.58
C SER A 45 -1.68 -7.89 -8.75
N TYR A 46 -1.56 -7.77 -7.43
CA TYR A 46 -2.66 -8.12 -6.53
C TYR A 46 -3.88 -7.25 -6.83
N LEU A 47 -3.63 -5.99 -7.20
CA LEU A 47 -4.71 -5.07 -7.52
C LEU A 47 -5.29 -5.40 -8.89
N GLU A 48 -4.41 -5.55 -9.87
CA GLU A 48 -4.84 -5.87 -11.24
C GLU A 48 -5.50 -7.24 -11.28
N LEU A 49 -5.16 -8.08 -10.30
CA LEU A 49 -5.71 -9.43 -10.20
C LEU A 49 -7.21 -9.38 -9.93
N ASN A 50 -7.71 -8.20 -9.56
CA ASN A 50 -9.13 -8.04 -9.27
C ASN A 50 -9.58 -6.62 -9.61
N ALA A 51 -10.48 -6.52 -10.59
CA ALA A 51 -11.01 -5.23 -11.03
C ALA A 51 -11.60 -4.44 -9.86
N ASP A 52 -11.99 -5.16 -8.80
CA ASP A 52 -12.59 -4.53 -7.63
C ASP A 52 -11.65 -3.46 -7.05
N TYR A 53 -10.34 -3.65 -7.27
CA TYR A 53 -9.36 -2.70 -6.76
C TYR A 53 -9.00 -1.67 -7.83
N LEU A 54 -9.22 -2.02 -9.10
CA LEU A 54 -8.94 -1.13 -10.21
C LEU A 54 -9.69 0.20 -10.04
N HIS A 55 -10.88 0.13 -9.45
CA HIS A 55 -11.70 1.32 -9.23
C HIS A 55 -11.12 2.24 -8.15
N THR A 56 -9.92 1.90 -7.66
CA THR A 56 -9.28 2.71 -6.63
C THR A 56 -7.77 2.67 -6.81
N MET A 57 -7.34 2.18 -7.97
CA MET A 57 -5.91 2.09 -8.29
C MET A 57 -5.25 3.45 -8.08
N ALA A 58 -5.95 4.51 -8.46
CA ALA A 58 -5.42 5.86 -8.31
C ALA A 58 -5.09 6.16 -6.84
N THR A 59 -5.90 5.61 -5.94
CA THR A 59 -5.68 5.82 -4.52
C THR A 59 -4.45 5.02 -4.06
N PHE A 60 -4.26 3.84 -4.64
CA PHE A 60 -3.12 3.00 -4.29
C PHE A 60 -1.82 3.72 -4.64
N ASP A 61 -1.74 4.22 -5.87
CA ASP A 61 -0.56 4.95 -6.31
C ASP A 61 -0.23 6.08 -5.33
N GLU A 62 -1.27 6.81 -4.94
CA GLU A 62 -1.10 7.93 -4.01
C GLU A 62 -0.60 7.41 -2.66
N ALA A 63 -1.21 6.33 -2.18
CA ALA A 63 -0.81 5.75 -0.90
C ALA A 63 0.65 5.32 -0.96
N TRP A 64 1.01 4.63 -2.04
CA TRP A 64 2.38 4.18 -2.22
C TRP A 64 3.34 5.36 -2.13
N ASP A 65 3.00 6.45 -2.82
CA ASP A 65 3.83 7.66 -2.80
C ASP A 65 4.12 8.09 -1.37
N GLN A 66 3.11 7.95 -0.51
CA GLN A 66 3.26 8.33 0.89
C GLN A 66 4.13 7.30 1.61
N TYR A 67 3.88 6.03 1.34
CA TYR A 67 4.64 4.95 1.96
C TYR A 67 6.13 5.17 1.77
N GLU A 68 6.55 5.27 0.51
CA GLU A 68 7.96 5.48 0.19
C GLU A 68 8.49 6.74 0.89
N SER A 69 7.74 7.83 0.79
CA SER A 69 8.16 9.09 1.41
C SER A 69 8.51 8.91 2.88
N GLU A 70 7.89 7.90 3.51
CA GLU A 70 8.12 7.63 4.92
C GLU A 70 9.38 6.80 5.14
N VAL A 71 9.45 5.65 4.47
CA VAL A 71 10.60 4.73 4.64
C VAL A 71 11.75 5.06 3.69
N HIS A 72 11.51 5.87 2.68
CA HIS A 72 12.57 6.22 1.73
C HIS A 72 13.54 7.23 2.34
N GLY A 73 13.32 7.56 3.60
CA GLY A 73 14.20 8.51 4.29
C GLY A 73 15.48 7.84 4.74
N ARG A 74 15.45 6.50 4.85
CA ARG A 74 16.61 5.75 5.27
C ARG A 74 17.53 5.47 4.09
N LEU A 75 17.97 4.23 3.99
CA LEU A 75 18.88 3.82 2.93
C LEU A 75 20.16 4.64 3.05
N GLU A 76 20.56 4.86 4.31
CA GLU A 76 21.76 5.64 4.59
C GLU A 76 23.03 4.88 4.23
N HIS A 77 22.92 3.93 3.31
CA HIS A 77 24.07 3.15 2.87
C HIS A 77 24.02 2.91 1.37
N HIS A 78 23.12 3.61 0.70
CA HIS A 78 22.97 3.48 -0.75
C HIS A 78 24.18 4.07 -1.48
N HIS A 79 24.45 3.56 -2.67
CA HIS A 79 25.58 4.05 -3.46
C HIS A 79 25.36 3.76 -4.94
N HIS A 80 25.91 4.62 -5.80
CA HIS A 80 25.77 4.46 -7.25
C HIS A 80 24.30 4.53 -7.67
N HIS A 81 24.07 4.74 -8.97
CA HIS A 81 22.72 4.82 -9.49
C HIS A 81 22.14 3.42 -9.68
N HIS A 82 21.94 2.72 -8.57
CA HIS A 82 21.39 1.36 -8.62
C HIS A 82 22.28 0.45 -9.47
N MET A 1 12.28 -1.25 3.12
CA MET A 1 10.93 -1.28 2.49
C MET A 1 10.03 -2.23 3.27
N LYS A 2 9.35 -1.70 4.28
CA LYS A 2 8.46 -2.50 5.11
C LYS A 2 7.25 -2.98 4.30
N SER A 3 6.48 -3.90 4.88
CA SER A 3 5.30 -4.43 4.19
C SER A 3 4.34 -3.30 3.85
N PHE A 4 4.01 -3.18 2.57
CA PHE A 4 3.09 -2.14 2.11
C PHE A 4 1.76 -2.21 2.87
N TYR A 5 1.27 -3.43 3.05
CA TYR A 5 0.01 -3.64 3.76
C TYR A 5 0.09 -3.06 5.18
N HIS A 6 1.22 -3.31 5.84
CA HIS A 6 1.40 -2.82 7.21
C HIS A 6 1.50 -1.30 7.22
N TYR A 7 2.35 -0.76 6.35
CA TYR A 7 2.51 0.69 6.27
C TYR A 7 1.14 1.30 6.06
N LEU A 8 0.47 0.80 5.03
CA LEU A 8 -0.88 1.25 4.71
C LEU A 8 -1.79 1.04 5.92
N LEU A 9 -1.46 0.04 6.74
CA LEU A 9 -2.28 -0.25 7.92
C LEU A 9 -2.29 0.93 8.88
N LYS A 10 -1.18 1.68 8.91
CA LYS A 10 -1.07 2.84 9.80
C LYS A 10 -1.86 4.03 9.24
N TYR A 11 -2.20 3.96 7.95
CA TYR A 11 -2.94 5.04 7.31
C TYR A 11 -4.44 4.79 7.35
N ARG A 12 -4.93 4.21 8.44
CA ARG A 12 -6.36 3.95 8.57
C ARG A 12 -7.13 5.25 8.37
N HIS A 13 -8.43 5.15 8.22
CA HIS A 13 -9.25 6.34 8.04
C HIS A 13 -10.71 6.01 8.27
N PRO A 14 -11.04 5.52 9.43
CA PRO A 14 -12.44 5.17 9.80
C PRO A 14 -13.40 6.25 9.29
N LYS A 15 -14.54 5.81 8.74
CA LYS A 15 -15.50 6.76 8.16
C LYS A 15 -14.84 7.43 6.96
N PRO A 16 -14.36 6.63 6.03
CA PRO A 16 -13.66 7.08 4.80
C PRO A 16 -14.20 8.38 4.21
N LYS A 17 -13.30 9.13 3.56
CA LYS A 17 -13.68 10.39 2.92
C LYS A 17 -12.75 10.68 1.73
N ASP A 18 -11.44 10.54 1.97
CA ASP A 18 -10.44 10.78 0.92
C ASP A 18 -10.26 9.53 0.06
N SER A 19 -9.78 9.72 -1.17
CA SER A 19 -9.56 8.61 -2.08
C SER A 19 -8.61 7.59 -1.46
N ILE A 20 -7.51 8.08 -0.89
CA ILE A 20 -6.53 7.21 -0.26
C ILE A 20 -7.15 6.53 0.96
N SER A 21 -8.02 7.26 1.64
CA SER A 21 -8.69 6.73 2.83
C SER A 21 -9.54 5.51 2.47
N GLU A 22 -10.30 5.62 1.39
CA GLU A 22 -11.14 4.52 0.93
C GLU A 22 -10.26 3.31 0.61
N PHE A 23 -9.15 3.56 -0.07
CA PHE A 23 -8.23 2.49 -0.43
C PHE A 23 -7.66 1.83 0.82
N ALA A 24 -7.15 2.65 1.73
CA ALA A 24 -6.58 2.13 2.97
C ALA A 24 -7.60 1.25 3.71
N ASN A 25 -8.80 1.78 3.87
CA ASN A 25 -9.87 1.04 4.55
C ASN A 25 -10.19 -0.26 3.82
N GLN A 26 -10.10 -0.23 2.49
CA GLN A 26 -10.38 -1.41 1.67
C GLN A 26 -9.39 -2.53 2.00
N ALA A 27 -8.11 -2.19 2.02
CA ALA A 27 -7.07 -3.17 2.31
C ALA A 27 -7.30 -3.85 3.66
N TYR A 28 -7.99 -3.14 4.55
CA TYR A 28 -8.27 -3.68 5.89
C TYR A 28 -9.08 -4.97 5.81
N GLU A 29 -10.15 -4.95 5.01
CA GLU A 29 -11.01 -6.11 4.85
C GLU A 29 -10.54 -7.01 3.71
N ASP A 30 -9.40 -6.69 3.11
CA ASP A 30 -8.88 -7.48 2.01
C ASP A 30 -8.23 -8.76 2.52
N HIS A 31 -7.92 -9.66 1.58
CA HIS A 31 -7.29 -10.94 1.90
C HIS A 31 -6.87 -11.65 0.61
N SER A 32 -6.52 -10.82 -0.39
CA SER A 32 -6.09 -11.31 -1.69
C SER A 32 -5.02 -10.38 -2.23
N PHE A 33 -3.88 -10.37 -1.58
CA PHE A 33 -2.77 -9.50 -1.96
C PHE A 33 -1.58 -9.73 -1.03
N PRO A 34 -0.38 -9.67 -1.55
CA PRO A 34 0.88 -9.88 -0.76
C PRO A 34 0.88 -9.13 0.56
N LYS A 35 0.26 -9.73 1.58
CA LYS A 35 0.19 -9.13 2.91
C LYS A 35 1.58 -8.89 3.46
N THR A 36 2.54 -9.66 2.98
CA THR A 36 3.93 -9.54 3.43
C THR A 36 4.88 -9.50 2.23
N SER A 37 4.80 -8.42 1.46
CA SER A 37 5.65 -8.24 0.29
C SER A 37 5.34 -6.91 -0.38
N THR A 38 6.38 -6.25 -0.91
CA THR A 38 6.19 -4.98 -1.57
C THR A 38 7.08 -4.89 -2.80
N ASP A 39 6.46 -4.95 -3.96
CA ASP A 39 7.19 -4.87 -5.22
C ASP A 39 6.34 -4.10 -6.23
N TYR A 40 6.82 -2.92 -6.60
CA TYR A 40 6.10 -2.07 -7.55
C TYR A 40 5.63 -2.83 -8.79
N HIS A 41 6.55 -3.52 -9.44
CA HIS A 41 6.22 -4.28 -10.65
C HIS A 41 5.23 -5.40 -10.37
N GLU A 42 5.54 -6.24 -9.39
CA GLU A 42 4.67 -7.36 -9.03
C GLU A 42 3.29 -6.88 -8.59
N ILE A 43 3.28 -5.93 -7.66
CA ILE A 43 2.02 -5.40 -7.14
C ILE A 43 1.26 -4.62 -8.23
N SER A 44 1.99 -3.86 -9.03
CA SER A 44 1.37 -3.09 -10.10
C SER A 44 0.46 -3.97 -10.95
N SER A 45 0.98 -5.12 -11.37
CA SER A 45 0.20 -6.05 -12.19
C SER A 45 -1.00 -6.58 -11.39
N TYR A 46 -0.76 -6.91 -10.12
CA TYR A 46 -1.81 -7.43 -9.27
C TYR A 46 -2.96 -6.43 -9.15
N LEU A 47 -2.61 -5.17 -8.85
CA LEU A 47 -3.62 -4.13 -8.71
C LEU A 47 -4.36 -3.91 -10.03
N GLU A 48 -3.59 -3.89 -11.13
CA GLU A 48 -4.17 -3.69 -12.45
C GLU A 48 -5.09 -4.86 -12.80
N LEU A 49 -4.63 -6.08 -12.52
CA LEU A 49 -5.41 -7.27 -12.81
C LEU A 49 -6.66 -7.30 -11.93
N ASN A 50 -6.53 -6.84 -10.69
CA ASN A 50 -7.67 -6.81 -9.77
C ASN A 50 -8.71 -5.80 -10.25
N ALA A 51 -9.86 -6.31 -10.69
CA ALA A 51 -10.93 -5.45 -11.17
C ALA A 51 -11.49 -4.59 -10.04
N ASP A 52 -11.33 -5.06 -8.81
CA ASP A 52 -11.83 -4.34 -7.64
C ASP A 52 -11.11 -3.01 -7.47
N TYR A 53 -9.78 -3.04 -7.55
CA TYR A 53 -8.97 -1.84 -7.39
C TYR A 53 -8.68 -1.18 -8.74
N LEU A 54 -9.03 -1.87 -9.82
CA LEU A 54 -8.81 -1.35 -11.16
C LEU A 54 -9.38 0.06 -11.32
N HIS A 55 -10.47 0.34 -10.59
CA HIS A 55 -11.11 1.65 -10.66
C HIS A 55 -10.42 2.67 -9.75
N THR A 56 -9.25 2.33 -9.22
CA THR A 56 -8.53 3.24 -8.35
C THR A 56 -7.01 3.09 -8.53
N MET A 57 -6.60 2.77 -9.75
CA MET A 57 -5.18 2.61 -10.04
C MET A 57 -4.44 3.92 -9.78
N ALA A 58 -5.10 5.03 -10.10
CA ALA A 58 -4.51 6.36 -9.90
C ALA A 58 -4.15 6.58 -8.44
N THR A 59 -4.89 5.96 -7.53
CA THR A 59 -4.64 6.11 -6.10
C THR A 59 -3.38 5.37 -5.70
N PHE A 60 -3.17 4.19 -6.28
CA PHE A 60 -1.99 3.39 -5.97
C PHE A 60 -0.73 4.16 -6.34
N ASP A 61 -0.69 4.67 -7.57
CA ASP A 61 0.45 5.45 -8.04
C ASP A 61 0.75 6.59 -7.07
N GLU A 62 -0.29 7.31 -6.70
CA GLU A 62 -0.16 8.43 -5.78
C GLU A 62 0.26 7.94 -4.40
N ALA A 63 -0.36 6.86 -3.94
CA ALA A 63 -0.03 6.29 -2.64
C ALA A 63 1.42 5.85 -2.60
N TRP A 64 1.84 5.14 -3.66
CA TRP A 64 3.22 4.67 -3.75
C TRP A 64 4.18 5.86 -3.61
N ASP A 65 3.87 6.94 -4.33
CA ASP A 65 4.70 8.13 -4.28
C ASP A 65 4.91 8.57 -2.83
N GLN A 66 3.85 8.51 -2.04
CA GLN A 66 3.93 8.88 -0.64
C GLN A 66 4.72 7.84 0.16
N TYR A 67 4.44 6.57 -0.12
CA TYR A 67 5.13 5.47 0.57
C TYR A 67 6.64 5.66 0.47
N GLU A 68 7.14 5.71 -0.77
CA GLU A 68 8.56 5.89 -1.01
C GLU A 68 9.08 7.13 -0.28
N SER A 69 8.32 8.21 -0.35
CA SER A 69 8.70 9.46 0.30
C SER A 69 8.92 9.27 1.81
N GLU A 70 8.20 8.32 2.40
CA GLU A 70 8.32 8.08 3.85
C GLU A 70 9.52 7.18 4.14
N VAL A 71 9.83 6.29 3.20
CA VAL A 71 10.96 5.38 3.36
C VAL A 71 12.22 6.02 2.78
N HIS A 72 12.02 7.04 1.95
CA HIS A 72 13.11 7.75 1.31
C HIS A 72 13.77 8.72 2.30
N GLY A 73 13.17 8.85 3.49
CA GLY A 73 13.71 9.73 4.51
C GLY A 73 14.57 8.96 5.51
N ARG A 74 14.05 7.84 5.99
CA ARG A 74 14.78 7.02 6.95
C ARG A 74 15.79 6.13 6.23
N LEU A 75 16.92 5.90 6.88
CA LEU A 75 17.97 5.06 6.31
C LEU A 75 18.06 3.73 7.06
N GLU A 76 16.92 3.30 7.60
CA GLU A 76 16.86 2.05 8.34
C GLU A 76 16.67 0.86 7.40
N HIS A 77 17.48 0.81 6.35
CA HIS A 77 17.41 -0.26 5.37
C HIS A 77 18.76 -0.97 5.27
N HIS A 78 19.51 -0.97 6.37
CA HIS A 78 20.83 -1.60 6.40
C HIS A 78 20.75 -2.96 7.09
N HIS A 79 19.86 -3.82 6.61
CA HIS A 79 19.70 -5.16 7.18
C HIS A 79 19.77 -5.13 8.71
N HIS A 80 18.77 -4.49 9.32
CA HIS A 80 18.73 -4.38 10.78
C HIS A 80 18.25 -5.69 11.39
N HIS A 81 17.71 -5.61 12.62
CA HIS A 81 17.23 -6.79 13.33
C HIS A 81 16.30 -7.62 12.44
N HIS A 82 16.60 -8.90 12.31
CA HIS A 82 15.80 -9.81 11.49
C HIS A 82 14.58 -10.28 12.28
#